data_1HA5
#
_entry.id   1HA5
#
_cell.length_a   126.946
_cell.length_b   101.320
_cell.length_c   82.019
_cell.angle_alpha   90.00
_cell.angle_beta   90.00
_cell.angle_gamma   90.00
#
_symmetry.space_group_name_H-M   'P 21 21 2'
#
loop_
_entity.id
_entity.type
_entity.pdbx_description
1 polymer 'STREPTOCOCCAL PYOGENIC EXOTOXIN A1'
2 non-polymer 'ZINC ION'
3 water water
#
_entity_poly.entity_id   1
_entity_poly.type   'polypeptide(L)'
_entity_poly.pdbx_seq_one_letter_code
;DPDPSQLHRSSLVKNLQNIYFLYEGDPVTHENVKSVDQLLSHDLIYNVSGPNYDKLKTELKNQEMATLFKDKNVDIYGVE
YYHLCYLCENAERSACIYGGVTNHAGNHLEIPKKIVVKVSIDGIQSLSFDIETNKKMVTAQELDYKVRKYLTDNKQLYTN
GPSKYETGYIKFIPKNKESFWFDFFPEPEFTQSKYLMIYKDNETLDSNTSQIEVYLTT
;
_entity_poly.pdbx_strand_id   A,B,C,D
#
loop_
_chem_comp.id
_chem_comp.type
_chem_comp.name
_chem_comp.formula
ZN non-polymer 'ZINC ION' 'Zn 2'
#
# COMPACT_ATOMS: atom_id res chain seq x y z
N ASP A 1 -25.63 26.78 2.09
CA ASP A 1 -24.46 27.37 1.38
C ASP A 1 -23.25 27.62 2.29
N PRO A 2 -22.10 28.02 1.69
CA PRO A 2 -20.86 28.30 2.41
C PRO A 2 -20.54 29.75 2.83
N ASP A 3 -19.95 29.88 4.02
CA ASP A 3 -19.54 31.17 4.57
C ASP A 3 -18.04 31.31 4.39
N PRO A 4 -17.56 32.56 4.25
CA PRO A 4 -16.13 32.83 4.06
C PRO A 4 -15.20 32.02 4.96
N SER A 5 -15.71 31.64 6.13
CA SER A 5 -14.94 30.87 7.11
C SER A 5 -15.09 29.38 6.87
N GLN A 6 -16.06 29.00 6.04
CA GLN A 6 -16.27 27.58 5.73
C GLN A 6 -15.44 27.21 4.51
N LEU A 7 -14.87 28.21 3.85
CA LEU A 7 -14.07 27.98 2.67
C LEU A 7 -12.58 27.85 2.96
N HIS A 8 -11.96 26.85 2.34
CA HIS A 8 -10.55 26.56 2.46
C HIS A 8 -9.75 27.60 1.69
N ARG A 9 -8.72 28.14 2.33
CA ARG A 9 -7.87 29.14 1.70
C ARG A 9 -6.77 28.44 0.91
N SER A 10 -6.63 28.82 -0.35
CA SER A 10 -5.65 28.24 -1.27
C SER A 10 -4.21 28.43 -0.83
N SER A 11 -3.91 29.58 -0.26
CA SER A 11 -2.56 29.86 0.17
C SER A 11 -2.13 28.95 1.33
N LEU A 12 -3.09 28.21 1.90
CA LEU A 12 -2.79 27.32 3.02
C LEU A 12 -2.53 25.87 2.58
N VAL A 13 -2.76 25.59 1.30
CA VAL A 13 -2.57 24.23 0.78
C VAL A 13 -1.12 23.90 0.43
N LYS A 14 -0.74 22.69 0.84
CA LYS A 14 0.61 22.16 0.61
C LYS A 14 0.51 21.22 -0.62
N ASN A 15 1.32 21.47 -1.64
CA ASN A 15 1.30 20.64 -2.85
C ASN A 15 0.00 20.76 -3.64
N LEU A 16 -0.49 21.98 -3.82
CA LEU A 16 -1.73 22.20 -4.55
C LEU A 16 -1.69 21.63 -5.97
N GLN A 17 -0.49 21.34 -6.49
CA GLN A 17 -0.36 20.78 -7.84
C GLN A 17 -1.20 19.52 -7.95
N ASN A 18 -1.30 18.79 -6.85
CA ASN A 18 -2.04 17.53 -6.81
C ASN A 18 -3.53 17.66 -7.12
N ILE A 19 -4.05 18.89 -7.11
CA ILE A 19 -5.44 19.12 -7.42
C ILE A 19 -5.43 19.47 -8.91
N TYR A 20 -4.48 20.33 -9.24
CA TYR A 20 -4.24 20.84 -10.58
C TYR A 20 -4.21 19.76 -11.65
N PHE A 21 -3.47 18.69 -11.41
CA PHE A 21 -3.38 17.63 -12.41
C PHE A 21 -4.68 16.87 -12.58
N LEU A 22 -5.45 16.80 -11.50
CA LEU A 22 -6.74 16.10 -11.53
C LEU A 22 -7.69 16.77 -12.52
N TYR A 23 -7.68 18.10 -12.58
CA TYR A 23 -8.56 18.83 -13.48
C TYR A 23 -7.90 19.30 -14.77
N GLU A 24 -6.57 19.35 -14.79
CA GLU A 24 -5.86 19.78 -15.99
C GLU A 24 -5.84 18.60 -16.95
N GLY A 25 -5.75 17.41 -16.37
CA GLY A 25 -5.72 16.20 -17.17
C GLY A 25 -7.08 15.77 -17.65
N ASP A 26 -7.09 14.92 -18.67
CA ASP A 26 -8.35 14.43 -19.23
C ASP A 26 -9.06 13.54 -18.21
N PRO A 27 -10.37 13.30 -18.40
CA PRO A 27 -11.13 12.46 -17.47
C PRO A 27 -11.08 11.00 -17.89
N VAL A 28 -11.84 10.18 -17.18
CA VAL A 28 -11.97 8.76 -17.48
C VAL A 28 -13.41 8.69 -17.99
N THR A 29 -13.57 8.29 -19.24
CA THR A 29 -14.90 8.23 -19.82
C THR A 29 -15.08 6.94 -20.54
N HIS A 30 -16.24 6.32 -20.35
CA HIS A 30 -16.56 5.07 -21.03
C HIS A 30 -18.05 5.02 -21.31
N GLU A 31 -18.42 4.35 -22.41
CA GLU A 31 -19.82 4.30 -22.80
C GLU A 31 -20.68 3.12 -22.38
N ASN A 32 -20.77 2.10 -23.22
CA ASN A 32 -21.62 0.96 -22.90
C ASN A 32 -20.82 -0.19 -22.29
N VAL A 33 -20.46 -0.03 -21.03
CA VAL A 33 -19.67 -1.03 -20.29
C VAL A 33 -20.41 -1.59 -19.07
N LYS A 34 -20.17 -2.87 -18.77
CA LYS A 34 -20.82 -3.58 -17.65
C LYS A 34 -19.85 -3.99 -16.54
N SER A 35 -20.31 -3.91 -15.29
CA SER A 35 -19.50 -4.30 -14.13
C SER A 35 -18.86 -5.68 -14.34
N VAL A 36 -17.56 -5.75 -14.18
CA VAL A 36 -16.89 -7.01 -14.38
C VAL A 36 -16.62 -7.76 -13.08
N ASP A 37 -16.15 -7.04 -12.06
CA ASP A 37 -15.85 -7.63 -10.76
C ASP A 37 -16.23 -6.67 -9.65
N GLN A 38 -15.73 -6.92 -8.44
CA GLN A 38 -16.06 -6.10 -7.29
C GLN A 38 -15.18 -6.47 -6.09
N LEU A 39 -14.55 -5.46 -5.48
CA LEU A 39 -13.67 -5.68 -4.33
C LEU A 39 -14.51 -5.61 -3.07
N LEU A 40 -14.96 -4.40 -2.75
CA LEU A 40 -15.80 -4.24 -1.58
C LEU A 40 -17.21 -4.03 -2.07
N SER A 41 -18.18 -4.53 -1.33
CA SER A 41 -19.59 -4.42 -1.69
C SER A 41 -20.07 -3.03 -2.13
N HIS A 42 -19.29 -1.99 -1.87
CA HIS A 42 -19.70 -0.64 -2.25
C HIS A 42 -18.96 -0.04 -3.46
N ASP A 43 -18.21 -0.87 -4.18
CA ASP A 43 -17.48 -0.41 -5.36
C ASP A 43 -17.73 -1.35 -6.55
N LEU A 44 -17.35 -0.90 -7.74
CA LEU A 44 -17.54 -1.69 -8.94
C LEU A 44 -16.31 -1.58 -9.82
N ILE A 45 -15.80 -2.74 -10.22
CA ILE A 45 -14.61 -2.81 -11.05
C ILE A 45 -15.00 -3.07 -12.50
N TYR A 46 -14.40 -2.26 -13.39
CA TYR A 46 -14.65 -2.37 -14.83
C TYR A 46 -13.36 -2.72 -15.58
N ASN A 47 -13.50 -3.56 -16.61
CA ASN A 47 -12.37 -3.99 -17.41
C ASN A 47 -12.09 -2.98 -18.53
N VAL A 48 -12.34 -1.71 -18.23
CA VAL A 48 -12.13 -0.63 -19.19
C VAL A 48 -10.67 -0.24 -19.08
N SER A 49 -10.09 0.13 -20.22
CA SER A 49 -8.69 0.51 -20.28
C SER A 49 -8.54 1.98 -20.66
N GLY A 50 -7.34 2.51 -20.48
CA GLY A 50 -7.06 3.90 -20.81
C GLY A 50 -5.56 4.17 -20.70
N PRO A 51 -5.10 5.39 -21.03
CA PRO A 51 -3.65 5.57 -20.89
C PRO A 51 -3.33 5.50 -19.41
N ASN A 52 -2.46 4.57 -19.03
CA ASN A 52 -2.05 4.42 -17.64
C ASN A 52 -2.97 3.50 -16.82
N TYR A 53 -3.88 2.80 -17.48
CA TYR A 53 -4.78 1.91 -16.74
C TYR A 53 -5.60 0.96 -17.62
N ASP A 54 -5.67 -0.30 -17.20
CA ASP A 54 -6.42 -1.36 -17.87
C ASP A 54 -7.58 -1.82 -16.99
N LYS A 55 -7.70 -1.18 -15.83
CA LYS A 55 -8.76 -1.48 -14.87
C LYS A 55 -9.19 -0.19 -14.16
N LEU A 56 -10.47 -0.10 -13.83
CA LEU A 56 -11.02 1.07 -13.15
C LEU A 56 -11.96 0.66 -12.01
N LYS A 57 -11.77 1.21 -10.82
CA LYS A 57 -12.63 0.89 -9.69
C LYS A 57 -13.31 2.16 -9.24
N THR A 58 -14.63 2.11 -9.13
CA THR A 58 -15.37 3.28 -8.70
C THR A 58 -16.08 2.99 -7.38
N GLU A 59 -15.89 3.88 -6.42
CA GLU A 59 -16.51 3.76 -5.12
C GLU A 59 -17.80 4.55 -5.19
N LEU A 60 -18.89 3.91 -4.80
CA LEU A 60 -20.20 4.56 -4.85
C LEU A 60 -20.66 4.89 -3.43
N LYS A 61 -21.86 5.44 -3.31
CA LYS A 61 -22.41 5.83 -2.02
C LYS A 61 -22.38 4.69 -1.01
N ASN A 62 -22.81 3.50 -1.45
CA ASN A 62 -22.83 2.32 -0.58
C ASN A 62 -23.21 1.06 -1.37
N GLN A 63 -23.22 -0.09 -0.70
CA GLN A 63 -23.55 -1.35 -1.37
C GLN A 63 -24.79 -1.30 -2.23
N GLU A 64 -25.87 -0.72 -1.72
CA GLU A 64 -27.11 -0.63 -2.46
C GLU A 64 -26.91 0.01 -3.83
N MET A 65 -26.26 1.17 -3.83
CA MET A 65 -25.99 1.88 -5.07
C MET A 65 -24.98 1.12 -5.93
N ALA A 66 -24.26 0.20 -5.31
CA ALA A 66 -23.26 -0.60 -6.02
C ALA A 66 -23.88 -1.80 -6.73
N THR A 67 -24.91 -2.40 -6.13
CA THR A 67 -25.58 -3.55 -6.74
C THR A 67 -26.64 -3.01 -7.70
N LEU A 68 -26.97 -1.73 -7.51
CA LEU A 68 -27.95 -1.06 -8.34
C LEU A 68 -27.42 -0.83 -9.77
N PHE A 69 -26.10 -0.73 -9.91
CA PHE A 69 -25.45 -0.52 -11.21
C PHE A 69 -24.62 -1.71 -11.58
N LYS A 70 -24.56 -2.69 -10.68
CA LYS A 70 -23.75 -3.88 -10.93
C LYS A 70 -23.95 -4.47 -12.33
N ASP A 71 -25.07 -5.17 -12.54
CA ASP A 71 -25.34 -5.83 -13.81
C ASP A 71 -26.01 -4.95 -14.86
N LYS A 72 -25.75 -3.65 -14.82
CA LYS A 72 -26.32 -2.71 -15.79
C LYS A 72 -25.22 -2.14 -16.67
N ASN A 73 -25.59 -1.86 -17.93
CA ASN A 73 -24.66 -1.26 -18.88
C ASN A 73 -24.73 0.22 -18.56
N VAL A 74 -23.66 0.73 -17.93
CA VAL A 74 -23.58 2.13 -17.52
C VAL A 74 -22.54 2.93 -18.29
N ASP A 75 -22.63 4.25 -18.14
CA ASP A 75 -21.69 5.18 -18.75
C ASP A 75 -20.83 5.68 -17.59
N ILE A 76 -19.52 5.75 -17.80
CA ILE A 76 -18.64 6.22 -16.76
C ILE A 76 -17.96 7.52 -17.13
N TYR A 77 -17.96 8.45 -16.18
CA TYR A 77 -17.33 9.76 -16.36
C TYR A 77 -16.76 10.22 -15.01
N GLY A 78 -15.44 10.28 -14.88
CA GLY A 78 -14.88 10.70 -13.60
C GLY A 78 -13.42 11.13 -13.56
N VAL A 79 -13.07 11.79 -12.46
CA VAL A 79 -11.71 12.26 -12.23
C VAL A 79 -11.08 11.18 -11.35
N GLU A 80 -10.03 10.54 -11.85
CA GLU A 80 -9.35 9.46 -11.12
C GLU A 80 -8.10 9.84 -10.36
N TYR A 81 -7.67 8.89 -9.54
CA TYR A 81 -6.48 9.05 -8.72
C TYR A 81 -5.81 7.69 -8.65
N TYR A 82 -4.49 7.69 -8.53
CA TYR A 82 -3.76 6.45 -8.48
C TYR A 82 -3.14 6.19 -7.12
N HIS A 83 -2.59 7.23 -6.49
CA HIS A 83 -1.95 7.08 -5.19
C HIS A 83 -3.02 6.75 -4.14
N LEU A 84 -2.91 5.55 -3.58
CA LEU A 84 -3.81 5.02 -2.57
C LEU A 84 -4.98 4.33 -3.27
N CYS A 85 -4.69 3.81 -4.46
CA CYS A 85 -5.66 3.10 -5.27
C CYS A 85 -5.17 1.65 -5.43
N TYR A 86 -5.63 0.78 -4.53
CA TYR A 86 -5.21 -0.61 -4.58
C TYR A 86 -6.37 -1.60 -4.70
N LEU A 87 -6.09 -2.71 -5.37
CA LEU A 87 -7.05 -3.79 -5.57
C LEU A 87 -6.30 -5.07 -5.22
N CYS A 88 -5.87 -5.82 -6.22
CA CYS A 88 -5.09 -7.04 -6.00
C CYS A 88 -3.65 -6.62 -6.16
N GLU A 89 -2.77 -7.53 -6.57
CA GLU A 89 -1.37 -7.19 -6.76
C GLU A 89 -0.87 -7.48 -8.16
N ASN A 90 -1.66 -8.24 -8.92
CA ASN A 90 -1.31 -8.59 -10.29
C ASN A 90 -1.78 -7.51 -11.25
N ALA A 91 -2.84 -6.80 -10.85
CA ALA A 91 -3.38 -5.71 -11.65
C ALA A 91 -2.48 -4.51 -11.35
N GLU A 92 -1.49 -4.29 -12.20
CA GLU A 92 -0.54 -3.20 -11.99
C GLU A 92 -0.84 -1.90 -12.70
N ARG A 93 -1.96 -1.85 -13.40
CA ARG A 93 -2.36 -0.64 -14.12
C ARG A 93 -3.81 -0.29 -13.81
N SER A 94 -4.08 0.02 -12.54
CA SER A 94 -5.42 0.36 -12.10
C SER A 94 -5.56 1.86 -11.81
N ALA A 95 -6.81 2.28 -11.69
CA ALA A 95 -7.13 3.68 -11.41
C ALA A 95 -8.46 3.73 -10.67
N CYS A 96 -8.54 4.57 -9.64
CA CYS A 96 -9.75 4.67 -8.87
C CYS A 96 -10.49 6.00 -9.04
N ILE A 97 -11.80 5.96 -8.83
CA ILE A 97 -12.64 7.13 -8.89
C ILE A 97 -13.82 6.79 -8.02
N TYR A 98 -14.58 7.82 -7.64
CA TYR A 98 -15.76 7.63 -6.85
C TYR A 98 -16.85 8.05 -7.81
N GLY A 99 -18.04 7.46 -7.65
CA GLY A 99 -19.19 7.77 -8.48
C GLY A 99 -18.93 7.89 -9.97
N GLY A 100 -19.59 8.85 -10.61
CA GLY A 100 -19.40 9.06 -12.03
C GLY A 100 -20.05 8.00 -12.90
N VAL A 101 -21.06 7.33 -12.35
CA VAL A 101 -21.76 6.28 -13.06
C VAL A 101 -23.21 6.68 -13.33
N THR A 102 -23.71 6.28 -14.49
CA THR A 102 -25.08 6.57 -14.88
C THR A 102 -25.55 5.49 -15.87
N ASN A 103 -26.85 5.22 -15.89
CA ASN A 103 -27.39 4.21 -16.79
C ASN A 103 -27.15 4.72 -18.19
N HIS A 104 -26.77 3.80 -19.08
CA HIS A 104 -26.51 4.12 -20.47
C HIS A 104 -27.81 4.18 -21.27
N ALA A 105 -28.59 3.10 -21.22
CA ALA A 105 -29.84 3.01 -21.96
C ALA A 105 -30.85 4.10 -21.60
N GLY A 106 -31.34 4.79 -22.62
CA GLY A 106 -32.32 5.84 -22.43
C GLY A 106 -31.84 7.11 -21.77
N ASN A 107 -30.53 7.33 -21.76
CA ASN A 107 -29.97 8.53 -21.13
C ASN A 107 -29.21 9.40 -22.11
N HIS A 108 -29.48 9.24 -23.40
CA HIS A 108 -28.77 10.00 -24.42
C HIS A 108 -29.52 11.06 -25.20
N LEU A 109 -28.82 12.15 -25.46
CA LEU A 109 -29.38 13.25 -26.21
C LEU A 109 -28.76 13.27 -27.62
N GLU A 110 -29.62 13.31 -28.64
CA GLU A 110 -29.18 13.37 -30.01
C GLU A 110 -28.35 14.65 -30.15
N ILE A 111 -28.76 15.69 -29.40
CA ILE A 111 -28.04 16.97 -29.42
C ILE A 111 -27.65 17.44 -28.01
N PRO A 112 -26.35 17.68 -27.81
CA PRO A 112 -25.77 18.15 -26.54
C PRO A 112 -26.52 19.30 -25.88
N LYS A 113 -26.80 19.18 -24.59
CA LYS A 113 -27.49 20.25 -23.86
C LYS A 113 -26.43 21.06 -23.15
N LYS A 114 -26.15 22.25 -23.64
CA LYS A 114 -25.16 23.06 -23.00
C LYS A 114 -25.77 23.82 -21.83
N ILE A 115 -25.12 23.71 -20.68
CA ILE A 115 -25.55 24.37 -19.47
C ILE A 115 -24.73 25.65 -19.39
N VAL A 116 -25.27 26.67 -18.74
CA VAL A 116 -24.58 27.95 -18.61
C VAL A 116 -23.93 28.13 -17.24
N VAL A 117 -22.60 28.19 -17.21
CA VAL A 117 -21.87 28.36 -15.94
C VAL A 117 -21.74 29.83 -15.60
N LYS A 118 -22.25 30.21 -14.43
CA LYS A 118 -22.19 31.59 -13.96
C LYS A 118 -20.99 31.88 -13.04
N VAL A 119 -19.85 32.19 -13.64
CA VAL A 119 -18.63 32.47 -12.88
C VAL A 119 -18.60 33.87 -12.30
N SER A 120 -18.71 33.93 -10.98
CA SER A 120 -18.69 35.19 -10.26
C SER A 120 -17.34 35.30 -9.54
N ILE A 121 -16.62 36.38 -9.80
CA ILE A 121 -15.32 36.60 -9.17
C ILE A 121 -15.39 37.80 -8.25
N ASP A 122 -15.02 37.61 -7.00
CA ASP A 122 -15.06 38.69 -6.03
C ASP A 122 -16.43 39.36 -6.04
N GLY A 123 -17.48 38.55 -6.16
CA GLY A 123 -18.84 39.05 -6.14
C GLY A 123 -19.44 39.58 -7.43
N ILE A 124 -18.62 39.84 -8.43
CA ILE A 124 -19.13 40.36 -9.70
C ILE A 124 -19.15 39.24 -10.73
N GLN A 125 -20.36 38.82 -11.13
CA GLN A 125 -20.50 37.73 -12.11
C GLN A 125 -20.40 38.31 -13.52
N SER A 126 -19.21 38.79 -13.88
CA SER A 126 -19.01 39.37 -15.20
C SER A 126 -18.71 38.34 -16.28
N LEU A 127 -18.76 37.06 -15.93
CA LEU A 127 -18.46 36.00 -16.89
C LEU A 127 -19.47 34.87 -16.98
N SER A 128 -19.68 34.41 -18.22
CA SER A 128 -20.59 33.31 -18.54
C SER A 128 -19.91 32.44 -19.59
N PHE A 129 -19.99 31.12 -19.38
CA PHE A 129 -19.42 30.20 -20.34
C PHE A 129 -20.26 28.93 -20.39
N ASP A 130 -20.29 28.29 -21.55
CA ASP A 130 -21.06 27.07 -21.72
C ASP A 130 -20.31 25.82 -21.30
N ILE A 131 -21.06 24.75 -21.13
CA ILE A 131 -20.56 23.43 -20.75
C ILE A 131 -21.65 22.50 -21.30
N GLU A 132 -21.26 21.38 -21.92
CA GLU A 132 -22.29 20.52 -22.48
C GLU A 132 -22.14 19.03 -22.20
N THR A 133 -23.25 18.31 -22.35
CA THR A 133 -23.23 16.86 -22.15
C THR A 133 -24.25 16.17 -23.10
N ASN A 134 -24.16 14.84 -23.18
CA ASN A 134 -25.06 14.05 -24.04
C ASN A 134 -26.00 13.23 -23.18
N LYS A 135 -25.96 13.48 -21.88
CA LYS A 135 -26.79 12.72 -20.95
C LYS A 135 -27.91 13.57 -20.37
N LYS A 136 -29.06 12.94 -20.13
CA LYS A 136 -30.19 13.66 -19.58
C LYS A 136 -29.95 13.76 -18.07
N MET A 137 -29.55 12.63 -17.49
CA MET A 137 -29.22 12.53 -16.08
C MET A 137 -27.70 12.39 -16.11
N VAL A 138 -27.02 13.43 -15.65
CA VAL A 138 -25.57 13.43 -15.64
C VAL A 138 -25.14 13.68 -14.20
N THR A 139 -23.93 13.26 -13.86
CA THR A 139 -23.45 13.44 -12.50
C THR A 139 -22.88 14.83 -12.29
N ALA A 140 -23.02 15.37 -11.08
CA ALA A 140 -22.47 16.69 -10.79
C ALA A 140 -20.98 16.64 -11.08
N GLN A 141 -20.39 15.45 -10.96
CA GLN A 141 -18.97 15.23 -11.21
C GLN A 141 -18.57 15.50 -12.68
N GLU A 142 -19.44 15.11 -13.61
CA GLU A 142 -19.16 15.35 -15.03
C GLU A 142 -19.22 16.85 -15.30
N LEU A 143 -20.21 17.50 -14.73
CA LEU A 143 -20.38 18.93 -14.88
C LEU A 143 -19.27 19.67 -14.12
N ASP A 144 -19.03 19.27 -12.88
CA ASP A 144 -18.01 19.90 -12.03
C ASP A 144 -16.64 19.91 -12.70
N TYR A 145 -16.27 18.80 -13.31
CA TYR A 145 -14.99 18.69 -13.99
C TYR A 145 -14.86 19.75 -15.06
N LYS A 146 -15.67 19.62 -16.11
CA LYS A 146 -15.63 20.54 -17.22
C LYS A 146 -15.50 21.97 -16.73
N VAL A 147 -16.30 22.33 -15.73
CA VAL A 147 -16.25 23.67 -15.16
C VAL A 147 -14.80 24.04 -14.83
N ARG A 148 -14.15 23.22 -14.00
CA ARG A 148 -12.77 23.44 -13.57
C ARG A 148 -11.77 23.33 -14.72
N LYS A 149 -12.01 22.42 -15.64
CA LYS A 149 -11.13 22.28 -16.80
C LYS A 149 -11.12 23.60 -17.57
N TYR A 150 -12.30 24.15 -17.80
CA TYR A 150 -12.41 25.39 -18.52
C TYR A 150 -11.67 26.46 -17.74
N LEU A 151 -12.10 26.68 -16.52
CA LEU A 151 -11.50 27.69 -15.64
C LEU A 151 -10.00 27.55 -15.40
N THR A 152 -9.51 26.32 -15.36
CA THR A 152 -8.08 26.11 -15.18
C THR A 152 -7.33 26.68 -16.38
N ASP A 153 -7.77 26.27 -17.56
CA ASP A 153 -7.16 26.65 -18.82
C ASP A 153 -7.45 28.04 -19.34
N ASN A 154 -8.37 28.76 -18.74
CA ASN A 154 -8.71 30.09 -19.25
C ASN A 154 -8.60 31.19 -18.20
N LYS A 155 -8.92 30.82 -16.96
CA LYS A 155 -8.87 31.73 -15.83
C LYS A 155 -7.80 31.30 -14.82
N GLN A 156 -7.02 30.29 -15.20
CA GLN A 156 -5.95 29.80 -14.35
C GLN A 156 -6.41 29.36 -12.97
N LEU A 157 -7.56 28.70 -12.90
CA LEU A 157 -8.08 28.24 -11.61
C LEU A 157 -7.01 27.50 -10.83
N TYR A 158 -6.21 26.72 -11.54
CA TYR A 158 -5.13 25.94 -10.94
C TYR A 158 -3.92 26.04 -11.85
N THR A 159 -2.74 25.82 -11.28
CA THR A 159 -1.51 25.85 -12.05
C THR A 159 -0.64 24.78 -11.42
N ASN A 160 0.48 24.46 -12.04
CA ASN A 160 1.39 23.47 -11.46
C ASN A 160 2.08 24.18 -10.31
N GLY A 161 1.27 24.75 -9.43
CA GLY A 161 1.76 25.49 -8.29
C GLY A 161 0.61 26.17 -7.58
N PRO A 162 0.76 27.45 -7.19
CA PRO A 162 -0.23 28.28 -6.49
C PRO A 162 -1.45 28.64 -7.34
N SER A 163 -2.41 29.28 -6.69
CA SER A 163 -3.63 29.68 -7.37
C SER A 163 -3.90 31.16 -7.13
N LYS A 164 -4.28 31.83 -8.20
CA LYS A 164 -4.58 33.25 -8.24
C LYS A 164 -5.77 33.60 -7.37
N TYR A 165 -6.51 32.59 -6.95
CA TYR A 165 -7.69 32.81 -6.13
C TYR A 165 -7.50 32.27 -4.73
N GLU A 166 -7.91 33.05 -3.74
CA GLU A 166 -7.81 32.64 -2.34
C GLU A 166 -8.81 31.53 -2.04
N THR A 167 -10.07 31.76 -2.39
CA THR A 167 -11.13 30.78 -2.17
C THR A 167 -11.95 30.54 -3.44
N GLY A 168 -12.87 29.60 -3.38
CA GLY A 168 -13.72 29.30 -4.52
C GLY A 168 -14.51 28.02 -4.37
N TYR A 169 -15.71 27.99 -4.91
CA TYR A 169 -16.58 26.80 -4.85
C TYR A 169 -17.61 26.81 -5.99
N ILE A 170 -18.10 25.63 -6.33
CA ILE A 170 -19.07 25.46 -7.39
C ILE A 170 -20.44 25.15 -6.75
N LYS A 171 -21.47 25.87 -7.15
CA LYS A 171 -22.80 25.64 -6.58
C LYS A 171 -23.72 25.04 -7.62
N PHE A 172 -24.39 23.94 -7.26
CA PHE A 172 -25.32 23.30 -8.17
C PHE A 172 -26.74 23.59 -7.76
N ILE A 173 -27.61 23.78 -8.75
CA ILE A 173 -29.01 24.12 -8.49
C ILE A 173 -30.06 23.32 -9.29
N PRO A 174 -30.54 22.21 -8.71
CA PRO A 174 -31.55 21.34 -9.33
C PRO A 174 -32.89 22.04 -9.48
N LYS A 175 -33.63 21.67 -10.53
CA LYS A 175 -34.94 22.23 -10.81
C LYS A 175 -35.68 22.47 -9.50
N ASN A 176 -36.06 21.38 -8.84
CA ASN A 176 -36.80 21.47 -7.59
C ASN A 176 -36.05 20.83 -6.43
N LYS A 177 -35.02 20.07 -6.74
CA LYS A 177 -34.24 19.42 -5.67
C LYS A 177 -33.41 20.49 -4.97
N GLU A 178 -32.99 20.21 -3.74
CA GLU A 178 -32.18 21.15 -2.96
C GLU A 178 -30.76 21.22 -3.53
N SER A 179 -30.08 22.33 -3.27
CA SER A 179 -28.73 22.58 -3.79
C SER A 179 -27.55 22.09 -2.95
N PHE A 180 -26.41 21.96 -3.62
CA PHE A 180 -25.16 21.54 -3.00
C PHE A 180 -23.98 22.28 -3.62
N TRP A 181 -22.82 22.20 -2.98
CA TRP A 181 -21.63 22.88 -3.47
C TRP A 181 -20.34 22.15 -3.07
N PHE A 182 -19.28 22.39 -3.85
CA PHE A 182 -17.97 21.77 -3.62
C PHE A 182 -16.90 22.85 -3.56
N ASP A 183 -16.02 22.74 -2.57
CA ASP A 183 -14.93 23.69 -2.38
C ASP A 183 -13.81 23.27 -3.31
N PHE A 184 -13.47 24.18 -4.22
CA PHE A 184 -12.42 23.95 -5.21
C PHE A 184 -11.08 23.62 -4.59
N PHE A 185 -10.86 24.04 -3.35
CA PHE A 185 -9.57 23.78 -2.71
C PHE A 185 -9.77 22.87 -1.51
N PRO A 186 -8.76 22.03 -1.21
CA PRO A 186 -8.76 21.08 -0.10
C PRO A 186 -8.23 21.65 1.20
N GLU A 187 -7.95 20.77 2.14
CA GLU A 187 -7.40 21.15 3.44
C GLU A 187 -5.92 21.27 3.14
N PRO A 188 -5.15 21.91 4.04
CA PRO A 188 -3.71 22.11 3.86
C PRO A 188 -2.96 20.87 3.41
N GLU A 189 -3.08 19.80 4.17
CA GLU A 189 -2.45 18.55 3.81
C GLU A 189 -3.60 17.58 3.51
N PHE A 190 -3.77 17.32 2.22
CA PHE A 190 -4.83 16.46 1.73
C PHE A 190 -4.26 15.30 0.92
N THR A 191 -5.17 14.57 0.30
CA THR A 191 -4.82 13.43 -0.54
C THR A 191 -5.94 13.42 -1.60
N GLN A 192 -5.58 13.16 -2.85
CA GLN A 192 -6.57 13.12 -3.93
C GLN A 192 -7.70 12.16 -3.58
N SER A 193 -7.34 11.05 -2.94
CA SER A 193 -8.32 10.06 -2.54
C SER A 193 -9.33 10.71 -1.62
N LYS A 194 -8.87 11.28 -0.51
CA LYS A 194 -9.81 11.90 0.42
C LYS A 194 -10.60 13.02 -0.20
N TYR A 195 -9.91 13.93 -0.90
CA TYR A 195 -10.57 15.09 -1.50
C TYR A 195 -11.64 14.71 -2.48
N LEU A 196 -11.34 13.80 -3.38
CA LEU A 196 -12.29 13.40 -4.38
C LEU A 196 -13.58 12.78 -3.88
N MET A 197 -13.64 12.46 -2.59
CA MET A 197 -14.84 11.86 -2.04
C MET A 197 -16.10 12.70 -2.23
N ILE A 198 -15.93 13.92 -2.75
CA ILE A 198 -17.08 14.81 -2.99
C ILE A 198 -17.93 14.25 -4.14
N TYR A 199 -17.42 13.20 -4.78
CA TYR A 199 -18.11 12.57 -5.89
C TYR A 199 -18.52 11.12 -5.56
N LYS A 200 -18.40 10.76 -4.30
CA LYS A 200 -18.74 9.41 -3.86
C LYS A 200 -20.26 9.22 -3.82
N ASP A 201 -21.00 10.31 -3.64
CA ASP A 201 -22.47 10.27 -3.58
C ASP A 201 -23.13 9.97 -4.94
N ASN A 202 -22.39 10.24 -6.03
CA ASN A 202 -22.87 10.02 -7.39
C ASN A 202 -24.22 10.69 -7.60
N GLU A 203 -24.32 11.94 -7.14
CA GLU A 203 -25.54 12.70 -7.26
C GLU A 203 -25.73 13.22 -8.70
N THR A 204 -26.53 12.52 -9.49
CA THR A 204 -26.79 12.94 -10.87
C THR A 204 -27.75 14.15 -10.92
N LEU A 205 -27.90 14.75 -12.09
CA LEU A 205 -28.75 15.92 -12.22
C LEU A 205 -29.42 16.01 -13.59
N ASP A 206 -30.60 16.61 -13.63
CA ASP A 206 -31.33 16.76 -14.88
C ASP A 206 -30.69 17.94 -15.62
N SER A 207 -29.81 17.65 -16.56
CA SER A 207 -29.12 18.67 -17.33
C SER A 207 -30.03 19.59 -18.13
N ASN A 208 -31.33 19.43 -18.00
CA ASN A 208 -32.26 20.27 -18.75
C ASN A 208 -32.88 21.35 -17.85
N THR A 209 -32.58 21.29 -16.55
CA THR A 209 -33.13 22.26 -15.62
C THR A 209 -32.13 22.67 -14.56
N SER A 210 -31.00 21.97 -14.49
CA SER A 210 -30.00 22.29 -13.49
C SER A 210 -29.22 23.55 -13.86
N GLN A 211 -28.80 24.29 -12.83
CA GLN A 211 -28.02 25.53 -13.02
C GLN A 211 -26.69 25.40 -12.30
N ILE A 212 -25.70 26.21 -12.71
CA ILE A 212 -24.36 26.16 -12.13
C ILE A 212 -23.76 27.55 -11.94
N GLU A 213 -23.28 27.80 -10.73
CA GLU A 213 -22.68 29.07 -10.39
C GLU A 213 -21.34 28.77 -9.75
N VAL A 214 -20.37 29.66 -9.96
CA VAL A 214 -19.05 29.52 -9.40
C VAL A 214 -18.69 30.80 -8.66
N TYR A 215 -18.09 30.67 -7.49
CA TYR A 215 -17.72 31.83 -6.72
C TYR A 215 -16.25 31.78 -6.39
N LEU A 216 -15.50 32.67 -7.01
CA LEU A 216 -14.08 32.75 -6.82
C LEU A 216 -13.74 34.12 -6.24
N THR A 217 -12.71 34.16 -5.40
CA THR A 217 -12.26 35.41 -4.80
C THR A 217 -10.74 35.43 -4.90
N THR A 218 -10.17 36.63 -4.93
CA THR A 218 -8.73 36.80 -5.05
C THR A 218 -8.02 37.09 -3.74
N ASP B 1 26.15 -17.79 -20.64
CA ASP B 1 24.93 -17.77 -21.50
C ASP B 1 23.86 -18.68 -20.93
N PRO B 2 22.60 -18.51 -21.37
CA PRO B 2 21.48 -19.32 -20.91
C PRO B 2 21.18 -20.54 -21.78
N ASP B 3 20.54 -21.52 -21.17
CA ASP B 3 20.14 -22.74 -21.86
C ASP B 3 18.63 -22.57 -22.04
N PRO B 4 18.11 -22.83 -23.24
CA PRO B 4 16.68 -22.71 -23.53
C PRO B 4 15.78 -22.94 -22.32
N SER B 5 16.18 -23.88 -21.46
CA SER B 5 15.42 -24.18 -20.26
C SER B 5 15.33 -22.99 -19.30
N GLN B 6 16.42 -22.22 -19.22
CA GLN B 6 16.48 -21.08 -18.33
C GLN B 6 15.92 -19.79 -18.92
N LEU B 7 14.85 -19.88 -19.70
CA LEU B 7 14.26 -18.68 -20.30
C LEU B 7 12.74 -18.68 -20.24
N HIS B 8 12.22 -17.52 -19.84
CA HIS B 8 10.79 -17.30 -19.70
C HIS B 8 10.08 -17.17 -21.05
N ARG B 9 9.21 -18.13 -21.36
CA ARG B 9 8.47 -18.13 -22.61
C ARG B 9 7.30 -17.16 -22.51
N SER B 10 7.27 -16.18 -23.40
CA SER B 10 6.23 -15.16 -23.41
C SER B 10 4.81 -15.69 -23.35
N SER B 11 4.58 -16.83 -24.02
CA SER B 11 3.23 -17.40 -24.05
C SER B 11 2.65 -17.60 -22.65
N LEU B 12 3.50 -18.07 -21.74
CA LEU B 12 3.10 -18.32 -20.35
C LEU B 12 2.83 -17.07 -19.53
N VAL B 13 3.20 -15.91 -20.07
CA VAL B 13 3.02 -14.67 -19.33
C VAL B 13 1.59 -14.15 -19.29
N LYS B 14 1.15 -13.80 -18.09
CA LYS B 14 -0.20 -13.25 -17.87
C LYS B 14 -0.05 -11.73 -17.75
N ASN B 15 -0.69 -10.99 -18.66
CA ASN B 15 -0.64 -9.53 -18.67
C ASN B 15 0.69 -9.00 -19.19
N LEU B 16 1.27 -9.71 -20.15
CA LEU B 16 2.54 -9.33 -20.73
C LEU B 16 2.61 -7.89 -21.32
N GLN B 17 1.52 -7.13 -21.22
CA GLN B 17 1.49 -5.76 -21.74
C GLN B 17 2.18 -4.81 -20.77
N ASN B 18 2.16 -5.18 -19.49
CA ASN B 18 2.78 -4.36 -18.47
C ASN B 18 4.27 -4.28 -18.65
N ILE B 19 4.82 -5.22 -19.42
CA ILE B 19 6.25 -5.23 -19.69
C ILE B 19 6.46 -4.46 -20.99
N TYR B 20 5.38 -4.32 -21.73
CA TYR B 20 5.38 -3.59 -23.00
C TYR B 20 5.36 -2.10 -22.67
N PHE B 21 4.44 -1.68 -21.79
CA PHE B 21 4.35 -0.27 -21.42
C PHE B 21 5.64 0.30 -20.84
N LEU B 22 6.40 -0.53 -20.13
CA LEU B 22 7.65 -0.08 -19.53
C LEU B 22 8.62 0.39 -20.59
N TYR B 23 8.73 -0.37 -21.66
CA TYR B 23 9.66 -0.06 -22.74
C TYR B 23 9.08 0.70 -23.91
N GLU B 24 7.77 0.78 -23.98
CA GLU B 24 7.14 1.50 -25.08
C GLU B 24 7.11 3.00 -24.76
N GLY B 25 6.64 3.33 -23.56
CA GLY B 25 6.56 4.72 -23.15
C GLY B 25 7.94 5.34 -23.05
N ASP B 26 8.00 6.64 -22.84
CA ASP B 26 9.29 7.34 -22.73
C ASP B 26 9.98 7.06 -21.40
N PRO B 27 11.30 7.17 -21.37
CA PRO B 27 12.03 6.91 -20.12
C PRO B 27 12.32 8.16 -19.27
N VAL B 28 12.78 7.91 -18.05
CA VAL B 28 13.14 8.94 -17.09
C VAL B 28 14.61 9.33 -17.33
N THR B 29 14.84 10.61 -17.65
CA THR B 29 16.18 11.12 -17.87
C THR B 29 16.31 12.51 -17.28
N HIS B 30 17.33 12.69 -16.44
CA HIS B 30 17.63 13.97 -15.83
C HIS B 30 19.13 14.16 -15.91
N GLU B 31 19.56 15.39 -16.13
CA GLU B 31 20.98 15.67 -16.31
C GLU B 31 21.87 16.00 -15.13
N ASN B 32 21.90 17.28 -14.76
CA ASN B 32 22.77 17.70 -13.67
C ASN B 32 22.03 17.75 -12.32
N VAL B 33 21.69 16.59 -11.76
CA VAL B 33 20.95 16.56 -10.50
C VAL B 33 21.65 15.97 -9.28
N LYS B 34 21.16 16.36 -8.12
CA LYS B 34 21.69 15.92 -6.84
C LYS B 34 20.53 15.34 -6.01
N SER B 35 20.78 14.30 -5.23
CA SER B 35 19.73 13.73 -4.39
C SER B 35 19.30 14.79 -3.38
N VAL B 36 18.05 14.74 -2.94
CA VAL B 36 17.57 15.72 -1.99
C VAL B 36 17.11 15.07 -0.66
N ASP B 37 16.57 13.87 -0.76
CA ASP B 37 16.12 13.14 0.43
C ASP B 37 16.54 11.68 0.28
N GLN B 38 15.95 10.79 1.09
CA GLN B 38 16.27 9.38 1.03
C GLN B 38 15.34 8.58 1.94
N LEU B 39 14.74 7.53 1.40
CA LEU B 39 13.85 6.66 2.15
C LEU B 39 14.68 5.64 2.93
N LEU B 40 15.23 4.65 2.22
CA LEU B 40 16.05 3.65 2.87
C LEU B 40 17.51 3.87 2.49
N SER B 41 18.40 3.50 3.40
CA SER B 41 19.83 3.67 3.23
C SER B 41 20.42 3.27 1.89
N HIS B 42 19.65 2.54 1.07
CA HIS B 42 20.16 2.13 -0.23
C HIS B 42 19.51 2.82 -1.43
N ASP B 43 18.77 3.89 -1.17
CA ASP B 43 18.14 4.63 -2.27
C ASP B 43 18.29 6.12 -2.08
N LEU B 44 18.06 6.85 -3.17
CA LEU B 44 18.15 8.30 -3.18
C LEU B 44 16.87 8.86 -3.78
N ILE B 45 16.48 10.04 -3.35
CA ILE B 45 15.27 10.66 -3.88
C ILE B 45 15.64 11.97 -4.55
N TYR B 46 15.05 12.24 -5.70
CA TYR B 46 15.35 13.46 -6.43
C TYR B 46 14.11 14.28 -6.66
N ASN B 47 14.31 15.59 -6.73
CA ASN B 47 13.21 16.50 -6.96
C ASN B 47 13.16 16.82 -8.44
N VAL B 48 13.00 15.79 -9.25
CA VAL B 48 12.89 16.00 -10.69
C VAL B 48 11.44 15.76 -11.09
N SER B 49 10.99 16.51 -12.09
CA SER B 49 9.63 16.40 -12.55
C SER B 49 9.57 15.77 -13.92
N GLY B 50 8.46 15.11 -14.19
CA GLY B 50 8.27 14.47 -15.46
C GLY B 50 6.79 14.16 -15.57
N PRO B 51 6.32 13.71 -16.73
CA PRO B 51 4.89 13.40 -16.85
C PRO B 51 4.51 12.43 -15.75
N ASN B 52 3.55 12.83 -14.90
CA ASN B 52 3.06 11.98 -13.81
C ASN B 52 3.80 11.98 -12.47
N TYR B 53 4.97 12.60 -12.37
CA TYR B 53 5.70 12.60 -11.09
C TYR B 53 6.50 13.85 -10.80
N ASP B 54 6.60 14.17 -9.51
CA ASP B 54 7.37 15.33 -9.04
C ASP B 54 8.57 14.84 -8.22
N LYS B 55 8.61 13.52 -7.98
CA LYS B 55 9.70 12.90 -7.20
C LYS B 55 10.19 11.58 -7.83
N LEU B 56 11.50 11.36 -7.73
CA LEU B 56 12.11 10.16 -8.29
C LEU B 56 12.95 9.39 -7.28
N LYS B 57 12.55 8.16 -6.99
CA LYS B 57 13.29 7.33 -6.05
C LYS B 57 13.95 6.17 -6.79
N THR B 58 15.25 6.04 -6.59
CA THR B 58 15.99 4.97 -7.24
C THR B 58 16.57 4.05 -6.17
N GLU B 59 16.32 2.75 -6.32
CA GLU B 59 16.86 1.76 -5.40
C GLU B 59 18.16 1.35 -6.06
N LEU B 60 19.27 1.57 -5.37
CA LEU B 60 20.57 1.18 -5.90
C LEU B 60 20.95 -0.14 -5.23
N LYS B 61 22.13 -0.64 -5.53
CA LYS B 61 22.62 -1.90 -5.01
C LYS B 61 22.56 -2.06 -3.49
N ASN B 62 23.03 -1.06 -2.77
CA ASN B 62 23.07 -1.07 -1.30
C ASN B 62 23.36 0.34 -0.77
N GLN B 63 23.51 0.49 0.55
CA GLN B 63 23.79 1.80 1.12
C GLN B 63 25.17 2.30 0.69
N GLU B 64 26.12 1.39 0.49
CA GLU B 64 27.44 1.77 0.04
C GLU B 64 27.34 2.57 -1.25
N MET B 65 26.64 1.99 -2.24
CA MET B 65 26.44 2.63 -3.54
C MET B 65 25.51 3.82 -3.41
N ALA B 66 24.53 3.72 -2.50
CA ALA B 66 23.60 4.81 -2.28
C ALA B 66 24.34 6.10 -1.92
N THR B 67 25.33 6.00 -1.02
CA THR B 67 26.13 7.15 -0.58
C THR B 67 27.17 7.59 -1.60
N LEU B 68 27.73 6.64 -2.32
CA LEU B 68 28.72 6.98 -3.32
C LEU B 68 28.15 8.05 -4.25
N PHE B 69 26.83 8.05 -4.41
CA PHE B 69 26.15 9.03 -5.27
C PHE B 69 25.31 9.96 -4.43
N LYS B 70 25.47 9.86 -3.12
CA LYS B 70 24.72 10.71 -2.20
C LYS B 70 24.74 12.17 -2.66
N ASP B 71 25.76 12.90 -2.25
CA ASP B 71 25.89 14.30 -2.62
C ASP B 71 26.80 14.43 -3.84
N LYS B 72 26.23 14.18 -5.01
CA LYS B 72 26.95 14.25 -6.26
C LYS B 72 26.01 14.64 -7.38
N ASN B 73 26.52 15.42 -8.31
CA ASN B 73 25.73 15.82 -9.47
C ASN B 73 25.80 14.61 -10.40
N VAL B 74 24.64 13.98 -10.60
CA VAL B 74 24.54 12.77 -11.43
C VAL B 74 23.54 12.86 -12.59
N ASP B 75 23.53 11.80 -13.42
CA ASP B 75 22.61 11.69 -14.55
C ASP B 75 21.70 10.49 -14.26
N ILE B 76 20.44 10.59 -14.66
CA ILE B 76 19.47 9.51 -14.45
C ILE B 76 18.93 9.06 -15.80
N TYR B 77 18.70 7.76 -15.93
CA TYR B 77 18.16 7.21 -17.16
C TYR B 77 17.66 5.81 -16.86
N GLY B 78 16.35 5.67 -16.68
CA GLY B 78 15.80 4.36 -16.38
C GLY B 78 14.32 4.13 -16.64
N VAL B 79 13.93 2.86 -16.73
CA VAL B 79 12.55 2.47 -16.95
C VAL B 79 11.78 2.47 -15.65
N GLU B 80 11.05 3.55 -15.38
CA GLU B 80 10.31 3.69 -14.15
C GLU B 80 8.99 2.92 -14.07
N TYR B 81 8.48 2.80 -12.85
CA TYR B 81 7.21 2.12 -12.60
C TYR B 81 6.59 2.83 -11.41
N TYR B 82 5.28 2.65 -11.23
CA TYR B 82 4.58 3.31 -10.13
C TYR B 82 3.83 2.38 -9.17
N HIS B 83 3.25 1.29 -9.67
CA HIS B 83 2.55 0.38 -8.76
C HIS B 83 3.58 -0.15 -7.73
N LEU B 84 3.19 -0.20 -6.47
CA LEU B 84 4.09 -0.69 -5.42
C LEU B 84 5.35 0.17 -5.29
N CYS B 85 5.17 1.49 -5.35
CA CYS B 85 6.25 2.47 -5.25
C CYS B 85 5.89 3.46 -4.15
N TYR B 86 5.85 2.98 -2.91
CA TYR B 86 5.48 3.83 -1.79
C TYR B 86 6.60 4.76 -1.33
N LEU B 87 6.20 5.75 -0.54
CA LEU B 87 7.11 6.74 0.03
C LEU B 87 6.47 7.27 1.32
N CYS B 88 5.21 7.69 1.19
CA CYS B 88 4.45 8.22 2.32
C CYS B 88 2.99 8.48 1.95
N GLU B 89 2.52 9.70 2.16
CA GLU B 89 1.14 10.07 1.83
C GLU B 89 1.07 11.44 1.17
N ASN B 90 2.23 11.96 0.77
CA ASN B 90 2.32 13.24 0.09
C ASN B 90 3.01 12.98 -1.24
N ALA B 91 3.46 11.73 -1.41
CA ALA B 91 4.13 11.29 -2.61
C ALA B 91 3.11 10.84 -3.63
N GLU B 92 2.08 11.65 -3.83
CA GLU B 92 1.01 11.36 -4.79
C GLU B 92 1.62 11.14 -6.17
N ARG B 93 2.54 12.02 -6.55
CA ARG B 93 3.19 11.93 -7.86
C ARG B 93 4.67 11.52 -7.80
N SER B 94 4.93 10.28 -7.37
CA SER B 94 6.29 9.78 -7.30
C SER B 94 6.56 8.71 -8.36
N ALA B 95 7.84 8.42 -8.61
CA ALA B 95 8.21 7.41 -9.59
C ALA B 95 9.40 6.63 -9.04
N CYS B 96 9.54 5.39 -9.49
CA CYS B 96 10.63 4.55 -9.04
C CYS B 96 11.38 3.87 -10.18
N ILE B 97 12.67 3.69 -9.96
CA ILE B 97 13.55 3.02 -10.91
C ILE B 97 14.70 2.42 -10.10
N TYR B 98 15.46 1.51 -10.72
CA TYR B 98 16.60 0.91 -10.04
C TYR B 98 17.81 1.37 -10.83
N GLY B 99 18.89 1.70 -10.11
CA GLY B 99 20.11 2.15 -10.76
C GLY B 99 19.86 3.28 -11.74
N GLY B 100 20.42 3.14 -12.95
CA GLY B 100 20.24 4.16 -13.97
C GLY B 100 20.81 5.47 -13.51
N VAL B 101 21.89 5.37 -12.72
CA VAL B 101 22.59 6.53 -12.16
C VAL B 101 24.10 6.56 -12.47
N THR B 102 24.58 7.71 -12.93
CA THR B 102 25.98 7.89 -13.27
C THR B 102 26.38 9.32 -12.98
N ASN B 103 27.68 9.54 -12.80
CA ASN B 103 28.22 10.87 -12.55
C ASN B 103 28.07 11.73 -13.80
N HIS B 104 27.64 12.97 -13.59
CA HIS B 104 27.45 13.89 -14.70
C HIS B 104 28.74 14.48 -15.25
N ALA B 105 29.64 14.90 -14.34
CA ALA B 105 30.91 15.54 -14.74
C ALA B 105 31.96 14.60 -15.34
N GLY B 106 32.46 14.97 -16.52
CA GLY B 106 33.46 14.19 -17.20
C GLY B 106 32.96 12.91 -17.85
N ASN B 107 31.65 12.79 -17.96
CA ASN B 107 31.05 11.59 -18.55
C ASN B 107 30.37 11.84 -19.87
N HIS B 108 30.73 12.94 -20.52
CA HIS B 108 30.10 13.23 -21.80
C HIS B 108 31.08 13.21 -22.98
N LEU B 109 30.52 12.91 -24.15
CA LEU B 109 31.27 12.86 -25.40
C LEU B 109 30.70 13.99 -26.25
N GLU B 110 31.54 14.66 -27.02
CA GLU B 110 31.02 15.74 -27.87
C GLU B 110 30.15 15.08 -28.92
N ILE B 111 30.58 13.91 -29.40
CA ILE B 111 29.85 13.14 -30.40
C ILE B 111 29.37 11.81 -29.81
N PRO B 112 28.08 11.50 -29.99
CA PRO B 112 27.45 10.27 -29.50
C PRO B 112 28.11 8.99 -29.99
N LYS B 113 28.54 8.13 -29.05
CA LYS B 113 29.15 6.86 -29.44
C LYS B 113 27.98 5.95 -29.80
N LYS B 114 28.12 5.22 -30.91
CA LYS B 114 27.06 4.33 -31.35
C LYS B 114 27.45 2.88 -31.14
N ILE B 115 26.47 2.08 -30.69
CA ILE B 115 26.71 0.67 -30.46
C ILE B 115 25.88 -0.16 -31.41
N VAL B 116 26.53 -1.15 -32.01
CA VAL B 116 25.88 -2.04 -32.94
C VAL B 116 25.25 -3.19 -32.15
N VAL B 117 23.94 -3.35 -32.31
CA VAL B 117 23.23 -4.43 -31.67
C VAL B 117 23.07 -5.49 -32.75
N LYS B 118 23.42 -6.73 -32.43
CA LYS B 118 23.31 -7.84 -33.39
C LYS B 118 22.16 -8.79 -33.04
N VAL B 119 20.97 -8.47 -33.56
CA VAL B 119 19.79 -9.27 -33.31
C VAL B 119 19.82 -10.58 -34.09
N SER B 120 19.64 -11.69 -33.39
CA SER B 120 19.67 -13.01 -34.00
C SER B 120 18.37 -13.73 -33.72
N ILE B 121 17.57 -13.94 -34.77
CA ILE B 121 16.28 -14.63 -34.65
C ILE B 121 16.33 -16.11 -34.99
N ASP B 122 15.60 -16.90 -34.21
CA ASP B 122 15.55 -18.33 -34.38
C ASP B 122 16.92 -18.93 -34.62
N GLY B 123 17.96 -18.28 -34.10
CA GLY B 123 19.31 -18.80 -34.24
C GLY B 123 20.16 -18.31 -35.39
N ILE B 124 19.59 -17.45 -36.24
CA ILE B 124 20.33 -16.94 -37.39
C ILE B 124 20.40 -15.42 -37.33
N GLN B 125 21.60 -14.85 -37.27
CA GLN B 125 21.73 -13.39 -37.24
C GLN B 125 21.01 -12.81 -38.44
N SER B 126 19.98 -12.00 -38.20
CA SER B 126 19.23 -11.42 -39.31
C SER B 126 18.96 -9.93 -39.20
N LEU B 127 19.68 -9.25 -38.32
CA LEU B 127 19.50 -7.82 -38.15
C LEU B 127 20.57 -7.22 -37.23
N SER B 128 21.00 -6.01 -37.56
CA SER B 128 21.99 -5.28 -36.78
C SER B 128 21.63 -3.80 -36.85
N PHE B 129 21.32 -3.17 -35.72
CA PHE B 129 20.97 -1.76 -35.76
C PHE B 129 21.83 -0.93 -34.80
N ASP B 130 21.69 0.38 -34.89
CA ASP B 130 22.47 1.29 -34.04
C ASP B 130 21.74 1.89 -32.82
N ILE B 131 22.49 2.04 -31.73
CA ILE B 131 22.01 2.62 -30.47
C ILE B 131 23.05 3.69 -30.09
N GLU B 132 22.63 4.83 -29.54
CA GLU B 132 23.63 5.84 -29.20
C GLU B 132 23.47 6.56 -27.84
N THR B 133 24.60 6.98 -27.29
CA THR B 133 24.62 7.70 -26.02
C THR B 133 25.73 8.71 -25.99
N ASN B 134 25.54 9.71 -25.13
CA ASN B 134 26.49 10.78 -24.93
C ASN B 134 27.19 10.50 -23.60
N LYS B 135 27.46 9.23 -23.33
CA LYS B 135 28.11 8.85 -22.08
C LYS B 135 29.25 7.86 -22.24
N LYS B 136 30.40 8.20 -21.66
CA LYS B 136 31.58 7.36 -21.69
C LYS B 136 31.22 6.11 -20.87
N MET B 137 30.65 6.33 -19.69
CA MET B 137 30.20 5.26 -18.81
C MET B 137 28.66 5.35 -18.86
N VAL B 138 28.02 4.28 -19.30
CA VAL B 138 26.56 4.23 -19.40
C VAL B 138 26.02 3.05 -18.62
N THR B 139 24.81 3.19 -18.08
CA THR B 139 24.19 2.11 -17.34
C THR B 139 23.73 1.09 -18.38
N ALA B 140 23.64 -0.18 -17.98
CA ALA B 140 23.19 -1.22 -18.89
C ALA B 140 21.69 -1.05 -19.08
N GLN B 141 21.06 -0.34 -18.16
CA GLN B 141 19.63 -0.07 -18.19
C GLN B 141 19.30 0.84 -19.37
N GLU B 142 20.12 1.87 -19.55
CA GLU B 142 19.95 2.81 -20.64
C GLU B 142 20.04 2.09 -21.99
N LEU B 143 21.16 1.42 -22.21
CA LEU B 143 21.37 0.69 -23.46
C LEU B 143 20.32 -0.40 -23.65
N ASP B 144 19.88 -1.00 -22.55
CA ASP B 144 18.86 -2.04 -22.62
C ASP B 144 17.53 -1.45 -23.07
N TYR B 145 17.18 -0.29 -22.53
CA TYR B 145 15.93 0.37 -22.88
C TYR B 145 15.95 0.78 -24.35
N LYS B 146 17.09 1.32 -24.79
CA LYS B 146 17.22 1.76 -26.17
C LYS B 146 17.13 0.58 -27.13
N VAL B 147 17.70 -0.54 -26.73
CA VAL B 147 17.65 -1.71 -27.59
C VAL B 147 16.25 -2.25 -27.61
N ARG B 148 15.60 -2.30 -26.45
CA ARG B 148 14.24 -2.80 -26.39
C ARG B 148 13.27 -1.82 -27.03
N LYS B 149 13.53 -0.53 -26.87
CA LYS B 149 12.66 0.48 -27.45
C LYS B 149 12.59 0.26 -28.96
N TYR B 150 13.76 0.23 -29.60
CA TYR B 150 13.84 0.03 -31.03
C TYR B 150 13.01 -1.18 -31.47
N LEU B 151 13.37 -2.35 -30.95
CA LEU B 151 12.70 -3.59 -31.31
C LEU B 151 11.17 -3.59 -31.22
N THR B 152 10.62 -3.01 -30.17
CA THR B 152 9.16 -2.95 -30.03
C THR B 152 8.57 -2.18 -31.21
N ASP B 153 9.05 -0.96 -31.40
CA ASP B 153 8.58 -0.10 -32.48
C ASP B 153 8.77 -0.68 -33.88
N ASN B 154 9.91 -1.34 -34.08
CA ASN B 154 10.25 -1.92 -35.37
C ASN B 154 10.00 -3.42 -35.54
N LYS B 155 10.56 -4.22 -34.63
CA LYS B 155 10.39 -5.67 -34.70
C LYS B 155 9.24 -6.26 -33.87
N GLN B 156 8.45 -5.40 -33.24
CA GLN B 156 7.31 -5.80 -32.42
C GLN B 156 7.66 -6.78 -31.32
N LEU B 157 8.78 -6.52 -30.65
CA LEU B 157 9.23 -7.36 -29.55
C LEU B 157 8.10 -7.47 -28.53
N TYR B 158 7.59 -6.31 -28.14
CA TYR B 158 6.49 -6.23 -27.18
C TYR B 158 5.31 -5.56 -27.90
N THR B 159 4.11 -5.80 -27.38
CA THR B 159 2.89 -5.25 -27.95
C THR B 159 1.90 -5.14 -26.80
N ASN B 160 0.78 -4.47 -27.03
CA ASN B 160 -0.20 -4.37 -25.98
C ASN B 160 -0.94 -5.70 -25.99
N GLY B 161 -0.18 -6.77 -25.78
CA GLY B 161 -0.77 -8.10 -25.76
C GLY B 161 0.25 -9.21 -25.85
N PRO B 162 -0.01 -10.22 -26.68
CA PRO B 162 0.96 -11.31 -26.80
C PRO B 162 2.20 -10.81 -27.53
N SER B 163 3.21 -11.66 -27.66
CA SER B 163 4.43 -11.27 -28.37
C SER B 163 4.68 -12.22 -29.53
N LYS B 164 5.30 -11.69 -30.59
CA LYS B 164 5.61 -12.49 -31.77
C LYS B 164 6.71 -13.50 -31.46
N TYR B 165 7.48 -13.20 -30.42
CA TYR B 165 8.58 -14.04 -29.99
C TYR B 165 8.26 -14.85 -28.73
N GLU B 166 8.84 -16.04 -28.66
CA GLU B 166 8.63 -16.93 -27.52
C GLU B 166 9.60 -16.57 -26.39
N THR B 167 10.88 -16.50 -26.74
CA THR B 167 11.91 -16.17 -25.78
C THR B 167 12.85 -15.15 -26.39
N GLY B 168 13.49 -14.37 -25.54
CA GLY B 168 14.41 -13.38 -26.04
C GLY B 168 15.18 -12.86 -24.87
N TYR B 169 16.46 -12.54 -25.11
CA TYR B 169 17.28 -12.00 -24.04
C TYR B 169 18.33 -11.06 -24.63
N ILE B 170 18.80 -10.13 -23.81
CA ILE B 170 19.80 -9.15 -24.21
C ILE B 170 21.16 -9.57 -23.61
N LYS B 171 22.20 -9.73 -24.44
CA LYS B 171 23.54 -10.12 -23.96
C LYS B 171 24.65 -9.06 -24.09
N PHE B 172 25.16 -8.59 -22.95
CA PHE B 172 26.25 -7.60 -22.94
C PHE B 172 27.61 -8.22 -22.76
N ILE B 173 28.55 -7.82 -23.62
CA ILE B 173 29.90 -8.35 -23.57
C ILE B 173 30.86 -7.22 -23.29
N PRO B 174 31.25 -7.04 -22.01
CA PRO B 174 32.17 -5.97 -21.65
C PRO B 174 33.60 -6.24 -22.12
N LYS B 175 34.25 -5.16 -22.55
CA LYS B 175 35.62 -5.21 -23.04
C LYS B 175 36.43 -6.26 -22.27
N ASN B 176 36.82 -5.95 -21.04
CA ASN B 176 37.61 -6.88 -20.24
C ASN B 176 36.82 -7.62 -19.17
N LYS B 177 35.90 -6.92 -18.50
CA LYS B 177 35.09 -7.55 -17.47
C LYS B 177 34.27 -8.72 -18.06
N GLU B 178 33.47 -9.37 -17.22
CA GLU B 178 32.65 -10.51 -17.65
C GLU B 178 31.36 -10.08 -18.35
N SER B 179 30.82 -10.98 -19.15
CA SER B 179 29.57 -10.70 -19.86
C SER B 179 28.39 -11.10 -18.98
N PHE B 180 27.21 -10.59 -19.32
CA PHE B 180 26.00 -10.86 -18.56
C PHE B 180 24.77 -10.58 -19.41
N TRP B 181 23.67 -11.28 -19.14
CA TRP B 181 22.46 -11.09 -19.92
C TRP B 181 21.18 -10.83 -19.14
N PHE B 182 20.19 -10.27 -19.84
CA PHE B 182 18.89 -9.95 -19.27
C PHE B 182 17.79 -10.68 -20.01
N ASP B 183 16.88 -11.30 -19.27
CA ASP B 183 15.77 -12.03 -19.85
C ASP B 183 14.76 -10.98 -20.31
N PHE B 184 14.24 -11.15 -21.51
CA PHE B 184 13.28 -10.21 -22.07
C PHE B 184 11.89 -10.40 -21.49
N PHE B 185 11.60 -11.60 -20.99
CA PHE B 185 10.28 -11.89 -20.45
C PHE B 185 10.29 -12.34 -18.98
N PRO B 186 9.28 -11.91 -18.20
CA PRO B 186 9.11 -12.22 -16.79
C PRO B 186 8.38 -13.55 -16.55
N GLU B 187 8.20 -13.89 -15.27
CA GLU B 187 7.49 -15.11 -14.89
C GLU B 187 6.03 -14.88 -15.22
N PRO B 188 5.24 -15.96 -15.35
CA PRO B 188 3.82 -15.83 -15.67
C PRO B 188 3.13 -14.70 -14.92
N GLU B 189 3.26 -14.70 -13.61
CA GLU B 189 2.67 -13.63 -12.82
C GLU B 189 3.87 -12.85 -12.28
N PHE B 190 3.93 -11.56 -12.62
CA PHE B 190 5.04 -10.72 -12.23
C PHE B 190 4.66 -9.33 -11.72
N THR B 191 5.68 -8.50 -11.60
CA THR B 191 5.52 -7.14 -11.15
C THR B 191 6.56 -6.27 -11.84
N GLN B 192 6.15 -5.10 -12.30
CA GLN B 192 7.10 -4.22 -12.95
C GLN B 192 8.23 -3.98 -11.97
N SER B 193 7.88 -3.64 -10.74
CA SER B 193 8.87 -3.39 -9.68
C SER B 193 9.78 -4.59 -9.50
N LYS B 194 9.19 -5.76 -9.39
CA LYS B 194 10.00 -6.96 -9.23
C LYS B 194 10.87 -7.16 -10.45
N TYR B 195 10.23 -7.20 -11.61
CA TYR B 195 10.95 -7.39 -12.87
C TYR B 195 12.10 -6.43 -13.09
N LEU B 196 11.91 -5.16 -12.75
CA LEU B 196 12.93 -4.17 -12.96
C LEU B 196 14.15 -4.21 -12.04
N MET B 197 14.24 -5.22 -11.20
CA MET B 197 15.38 -5.27 -10.30
C MET B 197 16.67 -5.66 -11.04
N ILE B 198 16.56 -5.88 -12.35
CA ILE B 198 17.73 -6.25 -13.14
C ILE B 198 18.70 -5.07 -13.29
N TYR B 199 18.17 -3.87 -13.06
CA TYR B 199 18.94 -2.63 -13.16
C TYR B 199 19.35 -2.16 -11.77
N LYS B 200 18.96 -2.94 -10.77
CA LYS B 200 19.24 -2.61 -9.39
C LYS B 200 20.71 -2.47 -9.14
N ASP B 201 21.51 -3.43 -9.61
CA ASP B 201 22.96 -3.38 -9.37
C ASP B 201 23.69 -2.21 -10.03
N ASN B 202 22.94 -1.40 -10.77
CA ASN B 202 23.48 -0.20 -11.42
C ASN B 202 24.68 -0.46 -12.32
N GLU B 203 24.75 -1.65 -12.91
CA GLU B 203 25.86 -2.01 -13.77
C GLU B 203 26.05 -0.96 -14.86
N THR B 204 27.31 -0.66 -15.16
CA THR B 204 27.63 0.35 -16.16
C THR B 204 28.85 -0.11 -16.94
N LEU B 205 28.82 0.09 -18.25
CA LEU B 205 29.94 -0.31 -19.09
C LEU B 205 30.53 0.86 -19.88
N ASP B 206 31.70 0.61 -20.46
CA ASP B 206 32.41 1.61 -21.26
C ASP B 206 31.83 1.70 -22.67
N SER B 207 30.93 2.66 -22.84
CA SER B 207 30.23 2.91 -24.10
C SER B 207 31.07 2.75 -25.35
N ASN B 208 32.39 2.85 -25.22
CA ASN B 208 33.24 2.73 -26.39
C ASN B 208 33.76 1.34 -26.74
N THR B 209 33.75 0.41 -25.81
CA THR B 209 34.26 -0.92 -26.13
C THR B 209 33.30 -2.06 -25.83
N SER B 210 32.12 -1.72 -25.32
CA SER B 210 31.13 -2.73 -24.99
C SER B 210 30.36 -3.19 -26.24
N GLN B 211 29.82 -4.40 -26.18
CA GLN B 211 29.08 -4.96 -27.31
C GLN B 211 27.79 -5.64 -26.88
N ILE B 212 26.76 -5.47 -27.72
CA ILE B 212 25.44 -6.03 -27.47
C ILE B 212 25.08 -7.14 -28.47
N GLU B 213 24.21 -8.04 -28.05
CA GLU B 213 23.72 -9.13 -28.89
C GLU B 213 22.32 -9.48 -28.41
N VAL B 214 21.37 -9.63 -29.32
CA VAL B 214 20.02 -9.96 -28.92
C VAL B 214 19.64 -11.29 -29.58
N TYR B 215 19.07 -12.19 -28.79
CA TYR B 215 18.69 -13.49 -29.28
C TYR B 215 17.23 -13.76 -29.02
N LEU B 216 16.49 -14.02 -30.08
CA LEU B 216 15.07 -14.28 -30.01
C LEU B 216 14.74 -15.66 -30.59
N THR B 217 13.52 -16.12 -30.32
CA THR B 217 13.01 -17.39 -30.83
C THR B 217 11.53 -17.17 -31.08
N THR B 218 11.06 -17.66 -32.22
CA THR B 218 9.65 -17.49 -32.62
C THR B 218 8.75 -18.63 -32.20
N ASP C 1 33.07 -15.75 4.66
CA ASP C 1 33.55 -14.96 5.84
C ASP C 1 33.64 -13.47 5.52
N PRO C 2 33.08 -12.62 6.41
CA PRO C 2 33.07 -11.16 6.27
C PRO C 2 34.29 -10.43 6.85
N ASP C 3 34.30 -9.11 6.65
CA ASP C 3 35.37 -8.23 7.14
C ASP C 3 34.70 -7.28 8.13
N PRO C 4 35.51 -6.54 8.92
CA PRO C 4 34.96 -5.60 9.90
C PRO C 4 34.10 -4.53 9.20
N SER C 5 34.55 -4.13 8.02
CA SER C 5 33.88 -3.13 7.21
C SER C 5 32.52 -3.64 6.72
N GLN C 6 32.52 -4.87 6.25
CA GLN C 6 31.33 -5.50 5.70
C GLN C 6 30.20 -5.72 6.71
N LEU C 7 30.45 -5.59 8.00
CA LEU C 7 29.39 -5.81 8.96
C LEU C 7 28.68 -4.55 9.44
N HIS C 8 27.35 -4.52 9.26
CA HIS C 8 26.49 -3.42 9.68
C HIS C 8 26.62 -3.11 11.17
N ARG C 9 26.85 -1.85 11.52
CA ARG C 9 26.98 -1.46 12.92
C ARG C 9 25.63 -1.15 13.55
N SER C 10 25.33 -1.82 14.66
CA SER C 10 24.08 -1.62 15.37
C SER C 10 23.86 -0.14 15.73
N SER C 11 24.82 0.44 16.43
CA SER C 11 24.71 1.82 16.86
C SER C 11 24.15 2.74 15.76
N LEU C 12 24.38 2.40 14.51
CA LEU C 12 23.89 3.24 13.42
C LEU C 12 22.46 2.95 12.96
N VAL C 13 21.94 1.79 13.33
CA VAL C 13 20.60 1.43 12.92
C VAL C 13 19.58 2.41 13.51
N LYS C 14 18.52 2.65 12.76
CA LYS C 14 17.44 3.54 13.16
C LYS C 14 16.18 2.67 13.23
N ASN C 15 15.55 2.65 14.40
CA ASN C 15 14.35 1.86 14.66
C ASN C 15 14.67 0.37 14.72
N LEU C 16 15.79 0.07 15.41
CA LEU C 16 16.31 -1.28 15.63
C LEU C 16 15.42 -2.20 16.45
N GLN C 17 14.27 -1.71 16.89
CA GLN C 17 13.36 -2.54 17.66
C GLN C 17 12.59 -3.36 16.66
N ASN C 18 12.47 -2.84 15.43
CA ASN C 18 11.74 -3.54 14.40
C ASN C 18 12.35 -4.90 14.09
N ILE C 19 13.66 -5.01 14.29
CA ILE C 19 14.35 -6.27 14.06
C ILE C 19 14.19 -7.07 15.34
N TYR C 20 14.12 -6.35 16.44
CA TYR C 20 13.96 -6.96 17.73
C TYR C 20 12.70 -7.78 17.84
N PHE C 21 11.57 -7.20 17.40
CA PHE C 21 10.28 -7.90 17.46
C PHE C 21 10.16 -9.08 16.52
N LEU C 22 11.02 -9.13 15.51
CA LEU C 22 10.97 -10.24 14.56
C LEU C 22 11.43 -11.52 15.25
N TYR C 23 12.59 -11.44 15.92
CA TYR C 23 13.20 -12.56 16.62
C TYR C 23 12.77 -12.75 18.06
N GLU C 24 12.04 -11.78 18.58
CA GLU C 24 11.55 -11.86 19.95
C GLU C 24 10.22 -12.61 19.98
N GLY C 25 9.39 -12.38 18.97
CA GLY C 25 8.11 -13.04 18.90
C GLY C 25 8.21 -14.48 18.46
N ASP C 26 7.12 -15.23 18.59
CA ASP C 26 7.12 -16.61 18.17
C ASP C 26 7.01 -16.57 16.64
N PRO C 27 7.51 -17.60 15.95
CA PRO C 27 7.40 -17.58 14.49
C PRO C 27 6.11 -18.26 14.05
N VAL C 28 6.03 -18.54 12.76
CA VAL C 28 4.88 -19.21 12.20
C VAL C 28 5.31 -20.63 11.95
N THR C 29 4.56 -21.59 12.49
CA THR C 29 4.90 -22.98 12.33
C THR C 29 3.70 -23.86 12.08
N HIS C 30 3.59 -24.42 10.89
CA HIS C 30 2.49 -25.30 10.56
C HIS C 30 3.03 -26.59 9.96
N GLU C 31 2.46 -27.73 10.32
CA GLU C 31 2.97 -29.00 9.83
C GLU C 31 2.61 -29.46 8.42
N ASN C 32 1.77 -30.48 8.37
CA ASN C 32 1.33 -31.12 7.13
C ASN C 32 0.39 -30.20 6.36
N VAL C 33 0.92 -29.26 5.58
CA VAL C 33 0.05 -28.33 4.85
C VAL C 33 0.25 -28.26 3.34
N LYS C 34 -0.85 -27.96 2.65
CA LYS C 34 -0.89 -27.85 1.19
C LYS C 34 -1.10 -26.39 0.80
N SER C 35 -0.38 -25.92 -0.21
CA SER C 35 -0.54 -24.55 -0.65
C SER C 35 -1.95 -24.44 -1.21
N VAL C 36 -2.59 -23.30 -0.99
CA VAL C 36 -3.97 -23.12 -1.46
C VAL C 36 -4.08 -22.03 -2.54
N ASP C 37 -3.13 -21.11 -2.56
CA ASP C 37 -3.15 -20.04 -3.57
C ASP C 37 -1.75 -19.73 -4.12
N GLN C 38 -1.61 -18.55 -4.73
CA GLN C 38 -0.36 -18.11 -5.32
C GLN C 38 -0.59 -16.75 -5.96
N LEU C 39 0.02 -15.70 -5.41
CA LEU C 39 -0.16 -14.37 -5.98
C LEU C 39 0.75 -14.27 -7.20
N LEU C 40 2.05 -14.26 -6.96
CA LEU C 40 3.02 -14.20 -8.04
C LEU C 40 3.62 -15.58 -8.21
N SER C 41 4.22 -15.84 -9.35
CA SER C 41 4.78 -17.16 -9.63
C SER C 41 5.81 -17.64 -8.64
N HIS C 42 6.52 -16.73 -7.99
CA HIS C 42 7.58 -17.12 -7.05
C HIS C 42 7.15 -17.35 -5.59
N ASP C 43 5.87 -17.18 -5.28
CA ASP C 43 5.40 -17.39 -3.91
C ASP C 43 4.25 -18.39 -3.86
N LEU C 44 3.87 -18.77 -2.65
CA LEU C 44 2.78 -19.71 -2.42
C LEU C 44 2.02 -19.25 -1.20
N ILE C 45 0.70 -19.37 -1.26
CA ILE C 45 -0.14 -18.96 -0.15
C ILE C 45 -0.83 -20.14 0.52
N TYR C 46 -0.97 -20.05 1.85
CA TYR C 46 -1.59 -21.09 2.65
C TYR C 46 -2.73 -20.60 3.52
N ASN C 47 -3.71 -21.49 3.73
CA ASN C 47 -4.89 -21.22 4.58
C ASN C 47 -4.62 -21.70 6.02
N VAL C 48 -3.80 -20.94 6.75
CA VAL C 48 -3.41 -21.30 8.12
C VAL C 48 -3.62 -20.12 9.08
N SER C 49 -3.95 -20.44 10.33
CA SER C 49 -4.20 -19.40 11.31
C SER C 49 -3.27 -19.41 12.50
N GLY C 50 -2.95 -18.20 12.94
CA GLY C 50 -2.07 -18.00 14.08
C GLY C 50 -2.41 -16.61 14.53
N PRO C 51 -2.00 -16.17 15.74
CA PRO C 51 -2.35 -14.82 16.19
C PRO C 51 -1.98 -13.74 15.17
N ASN C 52 -2.96 -12.90 14.81
CA ASN C 52 -2.74 -11.81 13.87
C ASN C 52 -2.84 -12.12 12.37
N TYR C 53 -3.05 -13.38 12.01
CA TYR C 53 -3.17 -13.74 10.60
C TYR C 53 -4.01 -14.99 10.37
N ASP C 54 -4.74 -14.99 9.26
CA ASP C 54 -5.57 -16.12 8.88
C ASP C 54 -5.10 -16.60 7.50
N LYS C 55 -4.12 -15.88 6.96
CA LYS C 55 -3.51 -16.18 5.68
C LYS C 55 -1.99 -15.97 5.77
N LEU C 56 -1.22 -16.83 5.10
CA LEU C 56 0.24 -16.73 5.12
C LEU C 56 0.83 -16.83 3.72
N LYS C 57 1.73 -15.91 3.39
CA LYS C 57 2.38 -15.91 2.07
C LYS C 57 3.89 -16.01 2.23
N THR C 58 4.49 -16.89 1.43
CA THR C 58 5.92 -17.11 1.47
C THR C 58 6.57 -16.89 0.13
N GLU C 59 7.38 -15.84 0.02
CA GLU C 59 8.07 -15.57 -1.22
C GLU C 59 9.27 -16.49 -1.35
N LEU C 60 9.15 -17.51 -2.18
CA LEU C 60 10.24 -18.44 -2.39
C LEU C 60 11.25 -17.82 -3.35
N LYS C 61 12.30 -18.58 -3.66
CA LYS C 61 13.35 -18.10 -4.54
C LYS C 61 12.89 -17.57 -5.90
N ASN C 62 12.01 -18.35 -6.54
CA ASN C 62 11.48 -18.01 -7.85
C ASN C 62 10.22 -18.83 -8.16
N GLN C 63 9.86 -18.91 -9.45
CA GLN C 63 8.68 -19.68 -9.86
C GLN C 63 9.05 -21.14 -9.91
N GLU C 64 10.31 -21.41 -10.20
CA GLU C 64 10.78 -22.78 -10.31
C GLU C 64 10.65 -23.49 -8.98
N MET C 65 11.04 -22.83 -7.91
CA MET C 65 10.98 -23.42 -6.58
C MET C 65 9.59 -23.43 -5.96
N ALA C 66 8.71 -22.52 -6.37
CA ALA C 66 7.35 -22.50 -5.82
C ALA C 66 6.55 -23.66 -6.38
N THR C 67 6.57 -23.82 -7.70
CA THR C 67 5.81 -24.92 -8.28
C THR C 67 6.30 -26.25 -7.72
N LEU C 68 7.49 -26.25 -7.11
CA LEU C 68 8.07 -27.47 -6.54
C LEU C 68 7.36 -27.89 -5.28
N PHE C 69 7.06 -26.92 -4.43
CA PHE C 69 6.37 -27.18 -3.18
C PHE C 69 4.92 -26.89 -3.44
N LYS C 70 4.65 -26.35 -4.62
CA LYS C 70 3.30 -26.01 -5.03
C LYS C 70 2.20 -26.98 -4.58
N ASP C 71 2.26 -28.23 -5.03
CA ASP C 71 1.20 -29.16 -4.64
C ASP C 71 1.53 -30.09 -3.50
N LYS C 72 2.73 -29.92 -2.91
CA LYS C 72 3.17 -30.78 -1.83
C LYS C 72 2.77 -30.33 -0.44
N ASN C 73 2.72 -31.29 0.48
CA ASN C 73 2.42 -31.03 1.88
C ASN C 73 3.77 -30.68 2.48
N VAL C 74 4.00 -29.39 2.73
CA VAL C 74 5.28 -28.89 3.25
C VAL C 74 5.14 -28.31 4.65
N ASP C 75 6.24 -28.24 5.37
CA ASP C 75 6.26 -27.66 6.70
C ASP C 75 6.64 -26.19 6.57
N ILE C 76 6.21 -25.36 7.51
CA ILE C 76 6.53 -23.94 7.46
C ILE C 76 7.16 -23.47 8.76
N TYR C 77 8.31 -22.81 8.67
CA TYR C 77 8.96 -22.26 9.85
C TYR C 77 9.54 -20.92 9.44
N GLY C 78 8.82 -19.84 9.68
CA GLY C 78 9.32 -18.53 9.28
C GLY C 78 9.18 -17.34 10.20
N VAL C 79 9.97 -16.30 9.94
CA VAL C 79 9.92 -15.07 10.72
C VAL C 79 9.01 -14.14 9.91
N GLU C 80 7.79 -13.95 10.38
CA GLU C 80 6.85 -13.11 9.67
C GLU C 80 6.91 -11.64 9.99
N TYR C 81 6.51 -10.84 9.00
CA TYR C 81 6.46 -9.39 9.09
C TYR C 81 5.09 -9.00 8.49
N TYR C 82 4.65 -7.76 8.70
CA TYR C 82 3.36 -7.36 8.17
C TYR C 82 3.39 -6.12 7.29
N HIS C 83 4.21 -5.15 7.66
CA HIS C 83 4.29 -3.94 6.85
C HIS C 83 4.84 -4.36 5.49
N LEU C 84 4.14 -3.94 4.44
CA LEU C 84 4.50 -4.24 3.05
C LEU C 84 4.01 -5.64 2.70
N CYS C 85 3.00 -6.10 3.44
CA CYS C 85 2.42 -7.41 3.24
C CYS C 85 1.01 -7.27 2.65
N TYR C 86 0.93 -6.52 1.55
CA TYR C 86 -0.35 -6.30 0.87
C TYR C 86 -0.67 -7.45 -0.08
N LEU C 87 -1.95 -7.71 -0.25
CA LEU C 87 -2.44 -8.77 -1.15
C LEU C 87 -3.65 -8.22 -1.89
N CYS C 88 -4.48 -7.48 -1.16
CA CYS C 88 -5.69 -6.84 -1.67
C CYS C 88 -6.55 -6.50 -0.46
N GLU C 89 -7.52 -5.60 -0.64
CA GLU C 89 -8.40 -5.21 0.47
C GLU C 89 -9.30 -6.37 0.91
N ASN C 90 -9.07 -7.56 0.35
CA ASN C 90 -9.87 -8.75 0.67
C ASN C 90 -9.06 -9.81 1.42
N ALA C 91 -8.29 -9.37 2.42
CA ALA C 91 -7.46 -10.25 3.25
C ALA C 91 -6.63 -9.38 4.19
N GLU C 92 -7.26 -8.89 5.24
CA GLU C 92 -6.60 -8.03 6.21
C GLU C 92 -5.64 -8.78 7.14
N ARG C 93 -6.13 -9.81 7.81
CA ARG C 93 -5.28 -10.59 8.70
C ARG C 93 -4.38 -11.52 7.88
N SER C 94 -3.39 -10.93 7.22
CA SER C 94 -2.45 -11.65 6.36
C SER C 94 -0.99 -11.44 6.78
N ALA C 95 -0.23 -12.52 6.89
CA ALA C 95 1.19 -12.46 7.26
C ALA C 95 2.09 -12.82 6.09
N CYS C 96 3.37 -12.47 6.17
CA CYS C 96 4.31 -12.76 5.10
C CYS C 96 5.68 -13.20 5.59
N ILE C 97 6.23 -14.22 4.94
CA ILE C 97 7.56 -14.73 5.26
C ILE C 97 8.25 -15.08 3.94
N TYR C 98 9.57 -15.30 3.99
CA TYR C 98 10.34 -15.70 2.82
C TYR C 98 10.84 -17.14 3.05
N GLY C 99 10.74 -17.98 2.02
CA GLY C 99 11.21 -19.35 2.15
C GLY C 99 10.66 -20.07 3.36
N GLY C 100 11.54 -20.69 4.14
CA GLY C 100 11.10 -21.40 5.34
C GLY C 100 10.21 -22.58 5.05
N VAL C 101 10.28 -23.09 3.83
CA VAL C 101 9.47 -24.22 3.39
C VAL C 101 10.25 -25.51 3.13
N THR C 102 9.82 -26.58 3.79
CA THR C 102 10.43 -27.90 3.65
C THR C 102 9.31 -28.91 3.44
N ASN C 103 9.61 -30.05 2.83
CA ASN C 103 8.58 -31.04 2.64
C ASN C 103 8.30 -31.71 3.98
N HIS C 104 7.04 -32.00 4.25
CA HIS C 104 6.64 -32.64 5.50
C HIS C 104 6.95 -34.14 5.48
N ALA C 105 6.54 -34.80 4.39
CA ALA C 105 6.74 -36.24 4.23
C ALA C 105 8.19 -36.71 4.42
N GLY C 106 8.36 -37.65 5.36
CA GLY C 106 9.64 -38.26 5.66
C GLY C 106 10.82 -37.37 6.05
N ASN C 107 10.58 -36.23 6.65
CA ASN C 107 11.68 -35.33 7.02
C ASN C 107 11.82 -35.16 8.53
N HIS C 108 11.14 -36.03 9.29
CA HIS C 108 11.18 -35.93 10.75
C HIS C 108 12.04 -36.95 11.47
N LEU C 109 12.58 -36.52 12.61
CA LEU C 109 13.40 -37.38 13.45
C LEU C 109 12.52 -37.74 14.65
N GLU C 110 12.47 -39.01 15.03
CA GLU C 110 11.64 -39.43 16.15
C GLU C 110 12.22 -38.88 17.45
N ILE C 111 13.48 -38.47 17.40
CA ILE C 111 14.16 -37.91 18.57
C ILE C 111 14.86 -36.65 18.05
N PRO C 112 14.48 -35.47 18.57
CA PRO C 112 15.07 -34.18 18.19
C PRO C 112 16.60 -34.17 18.09
N LYS C 113 17.12 -33.48 17.06
CA LYS C 113 18.55 -33.38 16.83
C LYS C 113 19.08 -32.03 17.27
N LYS C 114 19.70 -31.97 18.45
CA LYS C 114 20.22 -30.72 18.95
C LYS C 114 21.57 -30.39 18.33
N ILE C 115 21.75 -29.13 17.97
CA ILE C 115 23.00 -28.66 17.36
C ILE C 115 23.55 -27.64 18.34
N VAL C 116 24.84 -27.76 18.67
CA VAL C 116 25.46 -26.85 19.63
C VAL C 116 26.07 -25.61 18.99
N VAL C 117 25.43 -24.47 19.23
CA VAL C 117 25.85 -23.18 18.69
C VAL C 117 27.10 -22.63 19.39
N LYS C 118 28.19 -22.46 18.64
CA LYS C 118 29.41 -21.89 19.20
C LYS C 118 29.38 -20.39 18.99
N VAL C 119 29.00 -19.67 20.05
CA VAL C 119 28.92 -18.23 20.00
C VAL C 119 30.25 -17.64 20.46
N SER C 120 30.81 -16.76 19.65
CA SER C 120 32.09 -16.13 19.96
C SER C 120 31.77 -14.65 20.24
N ILE C 121 32.29 -14.11 21.35
CA ILE C 121 32.04 -12.70 21.68
C ILE C 121 33.33 -11.91 21.82
N ASP C 122 33.55 -10.96 20.91
CA ASP C 122 34.76 -10.15 20.91
C ASP C 122 36.00 -11.03 20.75
N GLY C 123 35.93 -11.94 19.80
CA GLY C 123 37.04 -12.83 19.52
C GLY C 123 37.24 -13.98 20.48
N ILE C 124 36.35 -14.11 21.46
CA ILE C 124 36.50 -15.19 22.44
C ILE C 124 35.28 -16.08 22.49
N GLN C 125 35.47 -17.35 22.12
CA GLN C 125 34.39 -18.33 22.12
C GLN C 125 34.12 -18.64 23.60
N SER C 126 33.31 -17.78 24.21
CA SER C 126 32.97 -17.91 25.62
C SER C 126 31.58 -18.46 25.83
N LEU C 127 30.83 -18.64 24.75
CA LEU C 127 29.47 -19.16 24.90
C LEU C 127 29.09 -20.25 23.90
N SER C 128 28.39 -21.25 24.39
CA SER C 128 27.94 -22.35 23.55
C SER C 128 26.63 -22.87 24.09
N PHE C 129 25.58 -22.78 23.30
CA PHE C 129 24.28 -23.28 23.75
C PHE C 129 23.66 -24.25 22.77
N ASP C 130 22.58 -24.87 23.23
CA ASP C 130 21.85 -25.86 22.45
C ASP C 130 20.67 -25.27 21.69
N ILE C 131 20.34 -25.91 20.57
CA ILE C 131 19.23 -25.54 19.71
C ILE C 131 18.85 -26.91 19.16
N GLU C 132 17.60 -27.13 18.76
CA GLU C 132 17.28 -28.45 18.21
C GLU C 132 16.19 -28.40 17.16
N THR C 133 16.05 -29.49 16.39
CA THR C 133 15.06 -29.57 15.33
C THR C 133 14.62 -31.02 15.11
N ASN C 134 13.42 -31.19 14.56
CA ASN C 134 12.87 -32.52 14.29
C ASN C 134 13.07 -32.85 12.81
N LYS C 135 13.43 -31.84 12.02
CA LYS C 135 13.61 -32.00 10.59
C LYS C 135 15.00 -32.49 10.19
N LYS C 136 15.03 -33.42 9.24
CA LYS C 136 16.29 -33.94 8.74
C LYS C 136 16.83 -32.83 7.84
N MET C 137 15.94 -32.31 7.00
CA MET C 137 16.25 -31.19 6.10
C MET C 137 15.59 -29.97 6.74
N VAL C 138 16.41 -29.12 7.36
CA VAL C 138 15.94 -27.92 8.05
C VAL C 138 16.47 -26.66 7.37
N THR C 139 15.60 -25.69 7.14
CA THR C 139 16.02 -24.45 6.52
C THR C 139 16.92 -23.68 7.47
N ALA C 140 17.83 -22.88 6.92
CA ALA C 140 18.72 -22.08 7.74
C ALA C 140 17.85 -21.17 8.59
N GLN C 141 16.77 -20.65 8.00
CA GLN C 141 15.86 -19.75 8.69
C GLN C 141 15.40 -20.31 10.04
N GLU C 142 15.01 -21.59 10.07
CA GLU C 142 14.56 -22.19 11.31
C GLU C 142 15.62 -22.10 12.39
N LEU C 143 16.83 -22.49 12.03
CA LEU C 143 17.96 -22.50 12.94
C LEU C 143 18.30 -21.08 13.33
N ASP C 144 18.54 -20.25 12.32
CA ASP C 144 18.89 -18.84 12.55
C ASP C 144 17.93 -18.16 13.54
N TYR C 145 16.65 -18.47 13.44
CA TYR C 145 15.66 -17.91 14.33
C TYR C 145 15.87 -18.45 15.74
N LYS C 146 15.97 -19.78 15.87
CA LYS C 146 16.19 -20.41 17.18
C LYS C 146 17.45 -19.87 17.87
N VAL C 147 18.48 -19.62 17.07
CA VAL C 147 19.74 -19.07 17.57
C VAL C 147 19.50 -17.67 18.14
N ARG C 148 18.93 -16.78 17.33
CA ARG C 148 18.68 -15.40 17.74
C ARG C 148 17.68 -15.29 18.88
N LYS C 149 16.63 -16.12 18.85
CA LYS C 149 15.64 -16.10 19.92
C LYS C 149 16.40 -16.22 21.26
N TYR C 150 17.15 -17.31 21.42
CA TYR C 150 17.94 -17.53 22.63
C TYR C 150 18.73 -16.28 22.93
N LEU C 151 19.74 -15.99 22.12
CA LEU C 151 20.59 -14.81 22.29
C LEU C 151 19.87 -13.50 22.64
N THR C 152 18.61 -13.39 22.24
CA THR C 152 17.84 -12.19 22.53
C THR C 152 17.40 -12.21 23.98
N ASP C 153 16.87 -13.36 24.39
CA ASP C 153 16.37 -13.59 25.73
C ASP C 153 17.46 -13.70 26.79
N ASN C 154 18.47 -14.48 26.46
CA ASN C 154 19.59 -14.76 27.33
C ASN C 154 20.83 -13.90 27.24
N LYS C 155 21.00 -13.17 26.14
CA LYS C 155 22.20 -12.34 25.98
C LYS C 155 21.89 -10.95 25.46
N GLN C 156 20.60 -10.64 25.35
CA GLN C 156 20.17 -9.34 24.87
C GLN C 156 20.79 -8.92 23.54
N LEU C 157 20.73 -9.81 22.54
CA LEU C 157 21.25 -9.46 21.20
C LEU C 157 20.44 -8.25 20.78
N TYR C 158 19.12 -8.38 20.89
CA TYR C 158 18.21 -7.29 20.57
C TYR C 158 17.40 -7.00 21.81
N THR C 159 16.96 -5.75 21.93
CA THR C 159 16.13 -5.30 23.03
C THR C 159 15.25 -4.30 22.32
N ASN C 160 14.23 -3.77 22.99
CA ASN C 160 13.32 -2.79 22.39
C ASN C 160 14.06 -1.46 22.33
N GLY C 161 15.19 -1.43 21.64
CA GLY C 161 15.98 -0.22 21.54
C GLY C 161 17.39 -0.58 21.09
N PRO C 162 18.43 -0.05 21.76
CA PRO C 162 19.81 -0.36 21.38
C PRO C 162 20.18 -1.83 21.56
N SER C 163 21.25 -2.25 20.90
CA SER C 163 21.74 -3.63 21.01
C SER C 163 22.97 -3.61 21.90
N LYS C 164 23.22 -4.71 22.59
CA LYS C 164 24.39 -4.78 23.47
C LYS C 164 25.65 -4.94 22.64
N TYR C 165 25.47 -5.25 21.35
CA TYR C 165 26.58 -5.47 20.43
C TYR C 165 26.61 -4.50 19.25
N GLU C 166 27.83 -4.13 18.84
CA GLU C 166 28.01 -3.24 17.71
C GLU C 166 27.74 -4.02 16.43
N THR C 167 28.49 -5.10 16.24
CA THR C 167 28.29 -5.95 15.07
C THR C 167 28.01 -7.39 15.46
N GLY C 168 27.51 -8.17 14.50
CA GLY C 168 27.20 -9.57 14.76
C GLY C 168 26.65 -10.31 13.56
N TYR C 169 27.13 -11.54 13.37
CA TYR C 169 26.67 -12.36 12.26
C TYR C 169 26.60 -13.82 12.64
N ILE C 170 25.99 -14.62 11.77
CA ILE C 170 25.85 -16.05 11.99
C ILE C 170 26.39 -16.79 10.78
N LYS C 171 27.23 -17.80 11.01
CA LYS C 171 27.81 -18.57 9.93
C LYS C 171 27.37 -20.01 9.99
N PHE C 172 26.92 -20.54 8.85
CA PHE C 172 26.49 -21.93 8.75
C PHE C 172 27.57 -22.69 7.99
N ILE C 173 27.97 -23.84 8.51
CA ILE C 173 28.99 -24.63 7.87
C ILE C 173 28.44 -25.97 7.41
N PRO C 174 27.71 -25.98 6.27
CA PRO C 174 27.13 -27.20 5.72
C PRO C 174 28.21 -28.27 5.58
N LYS C 175 27.82 -29.52 5.77
CA LYS C 175 28.74 -30.66 5.67
C LYS C 175 29.82 -30.47 4.60
N ASN C 176 29.48 -30.73 3.34
CA ASN C 176 30.43 -30.60 2.24
C ASN C 176 30.24 -29.31 1.46
N LYS C 177 29.00 -28.83 1.46
CA LYS C 177 28.67 -27.61 0.74
C LYS C 177 29.28 -26.35 1.37
N GLU C 178 29.34 -25.27 0.59
CA GLU C 178 29.92 -24.00 1.03
C GLU C 178 29.22 -23.37 2.24
N SER C 179 30.01 -22.71 3.09
CA SER C 179 29.47 -22.06 4.27
C SER C 179 28.95 -20.70 3.81
N PHE C 180 28.07 -20.11 4.60
CA PHE C 180 27.49 -18.82 4.27
C PHE C 180 27.03 -18.12 5.53
N TRP C 181 26.67 -16.84 5.42
CA TRP C 181 26.27 -16.09 6.61
C TRP C 181 25.18 -15.05 6.45
N PHE C 182 24.72 -14.54 7.59
CA PHE C 182 23.68 -13.51 7.71
C PHE C 182 24.16 -12.47 8.74
N ASP C 183 23.98 -11.20 8.45
CA ASP C 183 24.36 -10.15 9.37
C ASP C 183 23.18 -9.95 10.34
N PHE C 184 23.46 -9.99 11.63
CA PHE C 184 22.40 -9.84 12.63
C PHE C 184 21.78 -8.46 12.60
N PHE C 185 22.46 -7.51 11.97
CA PHE C 185 21.93 -6.16 11.90
C PHE C 185 21.78 -5.66 10.50
N PRO C 186 20.80 -4.76 10.28
CA PRO C 186 20.47 -4.16 8.99
C PRO C 186 21.11 -2.78 8.79
N GLU C 187 20.90 -2.21 7.60
CA GLU C 187 21.42 -0.87 7.30
C GLU C 187 20.61 0.08 8.19
N PRO C 188 21.14 1.29 8.44
CA PRO C 188 20.46 2.28 9.28
C PRO C 188 18.96 2.41 9.04
N GLU C 189 18.60 2.75 7.81
CA GLU C 189 17.21 2.89 7.46
C GLU C 189 16.85 1.67 6.61
N PHE C 190 16.10 0.77 7.23
CA PHE C 190 15.72 -0.48 6.58
C PHE C 190 14.24 -0.80 6.78
N THR C 191 13.85 -1.95 6.23
CA THR C 191 12.49 -2.47 6.31
C THR C 191 12.53 -3.96 6.64
N GLN C 192 11.70 -4.37 7.59
CA GLN C 192 11.63 -5.78 7.98
C GLN C 192 11.56 -6.68 6.75
N SER C 193 10.78 -6.25 5.76
CA SER C 193 10.61 -6.99 4.51
C SER C 193 11.88 -7.09 3.66
N LYS C 194 12.60 -5.98 3.54
CA LYS C 194 13.82 -5.97 2.76
C LYS C 194 14.87 -6.81 3.47
N TYR C 195 14.93 -6.66 4.79
CA TYR C 195 15.89 -7.38 5.59
C TYR C 195 15.65 -8.88 5.63
N LEU C 196 14.40 -9.26 5.86
CA LEU C 196 14.03 -10.68 5.93
C LEU C 196 14.15 -11.44 4.60
N MET C 197 14.82 -10.86 3.60
CA MET C 197 14.97 -11.54 2.33
C MET C 197 16.16 -12.48 2.43
N ILE C 198 16.82 -12.47 3.57
CA ILE C 198 17.96 -13.34 3.77
C ILE C 198 17.47 -14.78 3.70
N TYR C 199 16.17 -14.98 3.90
CA TYR C 199 15.58 -16.32 3.87
C TYR C 199 14.93 -16.73 2.54
N LYS C 200 14.87 -15.82 1.58
CA LYS C 200 14.24 -16.10 0.30
C LYS C 200 14.73 -17.37 -0.40
N ASP C 201 16.04 -17.54 -0.54
CA ASP C 201 16.59 -18.73 -1.20
C ASP C 201 16.14 -20.07 -0.58
N ASN C 202 15.37 -19.97 0.50
CA ASN C 202 14.84 -21.14 1.21
C ASN C 202 15.92 -22.20 1.53
N GLU C 203 17.18 -21.77 1.59
CA GLU C 203 18.29 -22.68 1.87
C GLU C 203 18.04 -23.63 3.05
N THR C 204 18.19 -24.94 2.81
CA THR C 204 18.00 -25.94 3.86
C THR C 204 19.31 -26.70 4.14
N LEU C 205 19.41 -27.31 5.32
CA LEU C 205 20.63 -28.01 5.72
C LEU C 205 20.33 -29.37 6.38
N ASP C 206 21.28 -30.29 6.30
CA ASP C 206 21.10 -31.60 6.94
C ASP C 206 21.36 -31.38 8.44
N SER C 207 20.27 -31.24 9.19
CA SER C 207 20.36 -30.98 10.62
C SER C 207 21.35 -31.88 11.33
N ASN C 208 21.73 -32.97 10.67
CA ASN C 208 22.66 -33.91 11.29
C ASN C 208 24.14 -33.69 11.06
N THR C 209 24.50 -32.82 10.11
CA THR C 209 25.91 -32.59 9.84
C THR C 209 26.32 -31.11 9.74
N SER C 210 25.34 -30.22 9.89
CA SER C 210 25.62 -28.78 9.81
C SER C 210 26.20 -28.24 11.11
N GLN C 211 26.78 -27.04 11.06
CA GLN C 211 27.36 -26.42 12.25
C GLN C 211 26.98 -24.93 12.29
N ILE C 212 27.03 -24.34 13.47
CA ILE C 212 26.66 -22.94 13.62
C ILE C 212 27.67 -22.18 14.49
N GLU C 213 28.08 -21.02 14.01
CA GLU C 213 29.00 -20.19 14.75
C GLU C 213 28.35 -18.81 14.75
N VAL C 214 28.55 -18.04 15.83
CA VAL C 214 27.99 -16.69 15.94
C VAL C 214 29.10 -15.76 16.44
N TYR C 215 29.24 -14.62 15.78
CA TYR C 215 30.29 -13.67 16.16
C TYR C 215 29.72 -12.33 16.55
N LEU C 216 30.00 -11.94 17.79
CA LEU C 216 29.50 -10.69 18.34
C LEU C 216 30.69 -9.82 18.76
N THR C 217 30.47 -8.50 18.81
CA THR C 217 31.50 -7.55 19.23
C THR C 217 30.78 -6.40 19.93
N THR C 218 31.36 -5.94 21.04
CA THR C 218 30.76 -4.87 21.82
C THR C 218 31.08 -3.50 21.24
N ASP D 1 -34.38 6.27 14.20
CA ASP D 1 -34.02 4.82 14.33
C ASP D 1 -33.90 4.15 12.98
N PRO D 2 -33.51 2.86 12.97
CA PRO D 2 -33.35 2.08 11.74
C PRO D 2 -34.53 1.19 11.32
N ASP D 3 -34.69 1.05 10.01
CA ASP D 3 -35.75 0.21 9.45
C ASP D 3 -35.15 -1.19 9.33
N PRO D 4 -35.95 -2.24 9.56
CA PRO D 4 -35.46 -3.62 9.47
C PRO D 4 -34.71 -3.90 8.16
N SER D 5 -34.90 -3.04 7.17
CA SER D 5 -34.27 -3.22 5.86
C SER D 5 -32.97 -2.44 5.71
N GLN D 6 -32.43 -1.96 6.82
CA GLN D 6 -31.18 -1.21 6.80
C GLN D 6 -30.05 -2.03 7.44
N LEU D 7 -30.36 -2.70 8.55
CA LEU D 7 -29.39 -3.51 9.27
C LEU D 7 -28.84 -4.62 8.38
N HIS D 8 -27.51 -4.65 8.22
CA HIS D 8 -26.87 -5.67 7.40
C HIS D 8 -27.05 -6.99 8.13
N ARG D 9 -27.12 -8.09 7.37
CA ARG D 9 -27.29 -9.39 7.97
C ARG D 9 -25.98 -10.16 7.95
N SER D 10 -25.45 -10.40 9.15
CA SER D 10 -24.19 -11.11 9.33
C SER D 10 -24.02 -12.32 8.44
N SER D 11 -25.13 -12.91 8.02
CA SER D 11 -25.09 -14.09 7.17
C SER D 11 -24.69 -13.76 5.74
N LEU D 12 -24.72 -12.48 5.36
CA LEU D 12 -24.31 -12.09 4.02
C LEU D 12 -22.86 -11.62 4.03
N VAL D 13 -22.32 -11.44 5.24
CA VAL D 13 -20.95 -10.98 5.45
C VAL D 13 -19.92 -12.07 5.29
N LYS D 14 -18.90 -11.79 4.47
CA LYS D 14 -17.79 -12.72 4.22
C LYS D 14 -16.68 -12.35 5.21
N ASN D 15 -15.91 -13.35 5.63
CA ASN D 15 -14.81 -13.13 6.58
C ASN D 15 -15.23 -12.22 7.73
N LEU D 16 -16.38 -12.53 8.32
CA LEU D 16 -16.93 -11.78 9.44
C LEU D 16 -16.03 -11.81 10.67
N GLN D 17 -15.04 -12.72 10.67
CA GLN D 17 -14.13 -12.82 11.79
C GLN D 17 -13.51 -11.45 11.98
N ASN D 18 -12.93 -10.94 10.91
CA ASN D 18 -12.28 -9.65 10.90
C ASN D 18 -12.93 -8.61 11.83
N ILE D 19 -14.23 -8.75 12.11
CA ILE D 19 -14.91 -7.82 13.01
C ILE D 19 -14.69 -8.30 14.45
N TYR D 20 -14.90 -9.60 14.63
CA TYR D 20 -14.74 -10.27 15.92
C TYR D 20 -13.44 -9.88 16.63
N PHE D 21 -12.34 -9.81 15.87
CA PHE D 21 -11.04 -9.47 16.44
C PHE D 21 -10.96 -8.01 16.87
N LEU D 22 -11.86 -7.19 16.32
CA LEU D 22 -11.86 -5.80 16.68
C LEU D 22 -12.36 -5.62 18.08
N TYR D 23 -13.50 -6.23 18.37
CA TYR D 23 -14.11 -6.11 19.69
C TYR D 23 -13.67 -7.13 20.72
N GLU D 24 -13.01 -8.20 20.29
CA GLU D 24 -12.55 -9.20 21.23
C GLU D 24 -11.25 -8.71 21.88
N GLY D 25 -10.31 -8.29 21.03
CA GLY D 25 -9.04 -7.81 21.52
C GLY D 25 -9.22 -6.58 22.38
N ASP D 26 -8.21 -6.24 23.16
CA ASP D 26 -8.28 -5.08 24.02
C ASP D 26 -8.33 -3.80 23.17
N PRO D 27 -8.83 -2.70 23.75
CA PRO D 27 -8.90 -1.45 23.00
C PRO D 27 -7.57 -0.73 23.15
N VAL D 28 -7.47 0.45 22.57
CA VAL D 28 -6.26 1.24 22.66
C VAL D 28 -6.56 2.30 23.71
N THR D 29 -5.76 2.35 24.76
CA THR D 29 -5.99 3.31 25.83
C THR D 29 -4.76 4.15 26.18
N HIS D 30 -4.96 5.46 26.26
CA HIS D 30 -3.90 6.40 26.64
C HIS D 30 -4.45 7.63 27.35
N GLU D 31 -4.00 7.84 28.58
CA GLU D 31 -4.47 8.94 29.41
C GLU D 31 -4.05 10.35 29.02
N ASN D 32 -3.02 10.85 29.69
CA ASN D 32 -2.50 12.20 29.50
C ASN D 32 -1.49 12.33 28.36
N VAL D 33 -1.94 12.25 27.12
CA VAL D 33 -1.02 12.33 25.98
C VAL D 33 -1.25 13.50 25.02
N LYS D 34 -0.16 13.91 24.35
CA LYS D 34 -0.16 15.05 23.44
C LYS D 34 0.18 14.67 22.01
N SER D 35 -0.59 15.18 21.05
CA SER D 35 -0.33 14.89 19.65
C SER D 35 1.10 15.31 19.33
N VAL D 36 1.94 14.38 18.89
CA VAL D 36 3.33 14.71 18.59
C VAL D 36 3.60 15.02 17.10
N ASP D 37 2.65 14.66 16.21
CA ASP D 37 2.79 14.91 14.77
C ASP D 37 1.43 14.90 14.05
N GLN D 38 1.45 15.00 12.72
CA GLN D 38 0.22 15.05 11.91
C GLN D 38 0.50 14.65 10.45
N LEU D 39 -0.32 13.78 9.88
CA LEU D 39 -0.11 13.38 8.48
C LEU D 39 -0.97 14.21 7.52
N LEU D 40 -2.29 14.12 7.71
CA LEU D 40 -3.23 14.88 6.90
C LEU D 40 -3.90 15.87 7.87
N SER D 41 -4.33 17.02 7.37
CA SER D 41 -4.93 18.04 8.22
C SER D 41 -6.07 17.61 9.17
N HIS D 42 -6.61 16.40 9.02
CA HIS D 42 -7.71 15.95 9.86
C HIS D 42 -7.38 14.79 10.80
N ASP D 43 -6.09 14.57 11.04
CA ASP D 43 -5.64 13.49 11.91
C ASP D 43 -4.49 13.91 12.78
N LEU D 44 -4.41 13.28 13.95
CA LEU D 44 -3.35 13.58 14.90
C LEU D 44 -2.63 12.28 15.21
N ILE D 45 -1.30 12.36 15.29
CA ILE D 45 -0.50 11.17 15.59
C ILE D 45 0.16 11.32 16.95
N TYR D 46 0.31 10.20 17.66
CA TYR D 46 0.94 10.21 18.98
C TYR D 46 2.02 9.16 19.06
N ASN D 47 2.96 9.36 19.98
CA ASN D 47 4.02 8.41 20.25
C ASN D 47 3.52 7.64 21.47
N VAL D 48 2.53 6.79 21.26
CA VAL D 48 1.95 6.01 22.33
C VAL D 48 2.19 4.54 22.01
N SER D 49 2.53 3.77 23.05
CA SER D 49 2.86 2.37 22.86
C SER D 49 1.80 1.37 23.31
N GLY D 50 1.89 0.17 22.73
CA GLY D 50 0.97 -0.92 23.04
C GLY D 50 1.39 -2.15 22.27
N PRO D 51 0.67 -3.28 22.37
CA PRO D 51 1.06 -4.49 21.62
C PRO D 51 0.91 -4.34 20.10
N ASN D 52 2.05 -4.42 19.41
CA ASN D 52 2.10 -4.35 17.95
C ASN D 52 2.20 -2.95 17.35
N TYR D 53 2.40 -1.93 18.19
CA TYR D 53 2.50 -0.57 17.67
C TYR D 53 3.28 0.40 18.55
N ASP D 54 3.99 1.31 17.89
CA ASP D 54 4.79 2.32 18.57
C ASP D 54 4.21 3.71 18.33
N LYS D 55 3.56 3.87 17.18
CA LYS D 55 2.95 5.14 16.82
C LYS D 55 1.46 4.92 16.65
N LEU D 56 0.68 5.95 16.93
CA LEU D 56 -0.77 5.84 16.78
C LEU D 56 -1.32 7.08 16.10
N LYS D 57 -2.16 6.88 15.09
CA LYS D 57 -2.77 7.98 14.35
C LYS D 57 -4.29 7.90 14.50
N THR D 58 -4.95 9.05 14.52
CA THR D 58 -6.38 9.08 14.67
C THR D 58 -7.03 10.07 13.71
N GLU D 59 -7.83 9.55 12.77
CA GLU D 59 -8.54 10.40 11.84
C GLU D 59 -9.70 11.00 12.61
N LEU D 60 -9.93 12.30 12.42
CA LEU D 60 -11.03 12.95 13.11
C LEU D 60 -12.03 13.51 12.11
N LYS D 61 -13.11 14.10 12.61
CA LYS D 61 -14.15 14.68 11.76
C LYS D 61 -13.47 15.43 10.62
N ASN D 62 -12.78 16.51 10.96
CA ASN D 62 -12.08 17.31 9.96
C ASN D 62 -10.91 18.04 10.57
N GLN D 63 -10.21 18.82 9.75
CA GLN D 63 -9.03 19.56 10.20
C GLN D 63 -9.29 20.49 11.35
N GLU D 64 -10.46 21.12 11.37
CA GLU D 64 -10.78 22.04 12.45
C GLU D 64 -10.73 21.30 13.78
N MET D 65 -11.32 20.11 13.80
CA MET D 65 -11.35 19.29 15.01
C MET D 65 -10.00 18.68 15.30
N ALA D 66 -9.16 18.57 14.27
CA ALA D 66 -7.82 18.01 14.44
C ALA D 66 -6.89 19.02 15.09
N THR D 67 -7.16 20.30 14.88
CA THR D 67 -6.32 21.37 15.46
C THR D 67 -6.82 21.73 16.84
N LEU D 68 -8.05 21.29 17.12
CA LEU D 68 -8.70 21.51 18.41
C LEU D 68 -8.04 20.66 19.48
N PHE D 69 -7.37 19.59 19.05
CA PHE D 69 -6.69 18.66 19.95
C PHE D 69 -5.18 18.65 19.74
N LYS D 70 -4.74 19.27 18.64
CA LYS D 70 -3.31 19.35 18.29
C LYS D 70 -2.37 19.48 19.48
N ASP D 71 -2.55 20.51 20.28
CA ASP D 71 -1.69 20.75 21.44
C ASP D 71 -2.44 20.62 22.76
N LYS D 72 -3.17 19.51 22.91
CA LYS D 72 -3.93 19.25 24.12
C LYS D 72 -3.63 17.87 24.67
N ASN D 73 -3.69 17.75 25.99
CA ASN D 73 -3.46 16.48 26.66
C ASN D 73 -4.79 15.76 26.72
N VAL D 74 -5.00 14.84 25.79
CA VAL D 74 -6.26 14.11 25.70
C VAL D 74 -6.14 12.65 26.06
N ASP D 75 -7.29 12.00 26.21
CA ASP D 75 -7.34 10.58 26.51
C ASP D 75 -7.76 9.87 25.23
N ILE D 76 -6.97 8.88 24.81
CA ILE D 76 -7.26 8.11 23.61
C ILE D 76 -7.89 6.77 23.98
N TYR D 77 -9.11 6.52 23.49
CA TYR D 77 -9.78 5.24 23.75
C TYR D 77 -10.55 4.85 22.49
N GLY D 78 -10.03 3.86 21.77
CA GLY D 78 -10.70 3.44 20.55
C GLY D 78 -10.27 2.10 19.98
N VAL D 79 -11.12 1.55 19.12
CA VAL D 79 -10.87 0.28 18.45
C VAL D 79 -9.94 0.62 17.29
N GLU D 80 -8.78 -0.04 17.26
CA GLU D 80 -7.79 0.18 16.21
C GLU D 80 -7.67 -0.95 15.20
N TYR D 81 -6.94 -0.67 14.12
CA TYR D 81 -6.70 -1.63 13.04
C TYR D 81 -5.31 -1.39 12.44
N TYR D 82 -4.84 -2.30 11.59
CA TYR D 82 -3.52 -2.17 10.99
C TYR D 82 -3.51 -2.35 9.47
N HIS D 83 -4.49 -3.04 8.93
CA HIS D 83 -4.52 -3.24 7.48
C HIS D 83 -5.16 -2.02 6.79
N LEU D 84 -4.37 -1.40 5.92
CA LEU D 84 -4.78 -0.20 5.18
C LEU D 84 -4.58 0.99 6.10
N CYS D 85 -3.47 0.95 6.81
CA CYS D 85 -3.07 1.98 7.77
C CYS D 85 -1.65 2.47 7.43
N TYR D 86 -1.56 3.27 6.39
CA TYR D 86 -0.28 3.79 5.94
C TYR D 86 0.07 5.16 6.50
N LEU D 87 1.36 5.34 6.76
CA LEU D 87 1.88 6.60 7.27
C LEU D 87 3.05 7.01 6.37
N CYS D 88 3.93 6.07 6.09
CA CYS D 88 5.10 6.33 5.26
C CYS D 88 5.96 5.08 5.11
N GLU D 89 7.11 5.10 5.76
CA GLU D 89 8.07 4.00 5.74
C GLU D 89 9.04 4.33 6.87
N ASN D 90 8.54 5.08 7.84
CA ASN D 90 9.29 5.50 9.02
C ASN D 90 8.76 4.75 10.22
N ALA D 91 7.72 3.96 10.01
CA ALA D 91 7.09 3.18 11.08
C ALA D 91 6.39 1.92 10.55
N GLU D 92 6.92 0.76 10.94
CA GLU D 92 6.35 -0.51 10.52
C GLU D 92 5.46 -1.10 11.60
N ARG D 93 5.43 -0.43 12.74
CA ARG D 93 4.62 -0.88 13.86
C ARG D 93 3.72 0.27 14.24
N SER D 94 2.70 0.50 13.42
CA SER D 94 1.74 1.59 13.66
C SER D 94 0.33 1.05 13.81
N ALA D 95 -0.59 1.95 14.16
CA ALA D 95 -1.99 1.59 14.34
C ALA D 95 -2.87 2.82 14.14
N CYS D 96 -4.06 2.60 13.61
CA CYS D 96 -5.00 3.70 13.37
C CYS D 96 -6.35 3.48 14.03
N ILE D 97 -7.00 4.59 14.36
CA ILE D 97 -8.34 4.57 14.95
C ILE D 97 -9.09 5.77 14.40
N TYR D 98 -10.39 5.81 14.65
CA TYR D 98 -11.22 6.92 14.20
C TYR D 98 -11.72 7.61 15.48
N GLY D 99 -11.49 8.90 15.59
CA GLY D 99 -11.93 9.61 16.76
C GLY D 99 -11.28 9.03 18.00
N GLY D 100 -12.05 8.88 19.07
CA GLY D 100 -11.53 8.34 20.32
C GLY D 100 -10.95 9.37 21.28
N VAL D 101 -10.63 10.55 20.76
CA VAL D 101 -10.04 11.62 21.56
C VAL D 101 -11.02 12.35 22.48
N THR D 102 -10.52 12.71 23.68
CA THR D 102 -11.30 13.44 24.68
C THR D 102 -10.35 14.17 25.62
N ASN D 103 -10.70 15.40 26.00
CA ASN D 103 -9.86 16.20 26.90
C ASN D 103 -9.52 15.38 28.14
N HIS D 104 -8.35 15.63 28.71
CA HIS D 104 -7.95 14.89 29.90
C HIS D 104 -8.10 15.69 31.18
N ALA D 105 -7.86 16.99 31.11
CA ALA D 105 -7.96 17.85 32.28
C ALA D 105 -9.39 17.96 32.78
N GLY D 106 -9.61 17.55 34.04
CA GLY D 106 -10.94 17.62 34.63
C GLY D 106 -11.97 16.78 33.90
N ASN D 107 -11.54 15.62 33.40
CA ASN D 107 -12.42 14.71 32.66
C ASN D 107 -12.83 13.51 33.51
N HIS D 108 -12.10 13.29 34.59
CA HIS D 108 -12.33 12.16 35.46
C HIS D 108 -13.33 12.34 36.59
N LEU D 109 -13.71 11.21 37.18
CA LEU D 109 -14.65 11.16 38.29
C LEU D 109 -13.93 10.28 39.29
N GLU D 110 -14.05 10.57 40.58
CA GLU D 110 -13.39 9.75 41.59
C GLU D 110 -14.09 8.41 41.69
N ILE D 111 -15.22 8.29 40.99
CA ILE D 111 -16.01 7.06 41.01
C ILE D 111 -16.62 6.75 39.64
N PRO D 112 -16.34 5.55 39.12
CA PRO D 112 -16.81 5.03 37.83
C PRO D 112 -18.33 5.12 37.60
N LYS D 113 -18.77 6.12 36.83
CA LYS D 113 -20.19 6.30 36.53
C LYS D 113 -20.66 5.15 35.67
N LYS D 114 -21.38 4.22 36.27
CA LYS D 114 -21.90 3.06 35.54
C LYS D 114 -23.19 3.36 34.79
N ILE D 115 -23.25 2.89 33.56
CA ILE D 115 -24.41 3.07 32.69
C ILE D 115 -25.05 1.70 32.46
N VAL D 116 -26.37 1.68 32.33
CA VAL D 116 -27.10 0.43 32.12
C VAL D 116 -27.40 0.19 30.65
N VAL D 117 -27.04 -1.00 30.18
CA VAL D 117 -27.27 -1.36 28.79
C VAL D 117 -28.50 -2.26 28.66
N LYS D 118 -29.58 -1.66 28.17
CA LYS D 118 -30.84 -2.36 27.97
C LYS D 118 -30.83 -3.05 26.62
N VAL D 119 -30.89 -4.38 26.62
CA VAL D 119 -30.87 -5.14 25.37
C VAL D 119 -32.28 -5.47 24.89
N SER D 120 -32.40 -6.42 23.97
CA SER D 120 -33.70 -6.81 23.42
C SER D 120 -33.53 -7.78 22.25
N ILE D 121 -33.38 -9.06 22.56
CA ILE D 121 -33.21 -10.11 21.57
C ILE D 121 -34.56 -10.46 20.95
N ASP D 122 -34.66 -10.33 19.63
CA ASP D 122 -35.90 -10.60 18.90
C ASP D 122 -37.06 -9.84 19.53
N GLY D 123 -37.00 -8.51 19.44
CA GLY D 123 -38.05 -7.68 20.00
C GLY D 123 -38.17 -7.70 21.51
N ILE D 124 -38.12 -8.88 22.10
CA ILE D 124 -38.24 -9.05 23.54
C ILE D 124 -37.05 -8.49 24.32
N GLN D 125 -37.27 -7.39 25.05
CA GLN D 125 -36.19 -6.80 25.83
C GLN D 125 -35.89 -7.80 26.96
N SER D 126 -34.93 -8.69 26.71
CA SER D 126 -34.60 -9.70 27.72
C SER D 126 -33.50 -9.32 28.69
N LEU D 127 -32.28 -9.15 28.18
CA LEU D 127 -31.15 -8.83 29.01
C LEU D 127 -30.83 -7.36 29.24
N SER D 128 -30.07 -7.09 30.31
CA SER D 128 -29.62 -5.76 30.69
C SER D 128 -28.42 -5.92 31.62
N PHE D 129 -27.35 -5.16 31.37
CA PHE D 129 -26.14 -5.25 32.21
C PHE D 129 -25.44 -3.90 32.38
N ASP D 130 -24.40 -3.91 33.21
CA ASP D 130 -23.65 -2.69 33.51
C ASP D 130 -22.43 -2.44 32.64
N ILE D 131 -22.09 -1.17 32.55
CA ILE D 131 -20.94 -0.68 31.80
C ILE D 131 -20.51 0.53 32.59
N GLU D 132 -19.24 0.92 32.50
CA GLU D 132 -18.80 2.11 33.24
C GLU D 132 -17.66 2.86 32.57
N THR D 133 -17.34 4.01 33.14
CA THR D 133 -16.25 4.84 32.64
C THR D 133 -15.79 5.79 33.75
N ASN D 134 -14.62 6.39 33.56
CA ASN D 134 -14.05 7.33 34.54
C ASN D 134 -14.07 8.73 33.96
N LYS D 135 -14.69 8.82 32.77
CA LYS D 135 -14.81 10.08 32.03
C LYS D 135 -16.20 10.69 32.22
N LYS D 136 -16.27 12.02 32.21
CA LYS D 136 -17.54 12.73 32.34
C LYS D 136 -18.06 12.79 30.91
N MET D 137 -17.14 13.10 30.00
CA MET D 137 -17.43 13.16 28.57
C MET D 137 -16.70 11.97 27.96
N VAL D 138 -17.45 10.92 27.68
CA VAL D 138 -16.89 9.71 27.11
C VAL D 138 -17.36 9.56 25.66
N THR D 139 -16.45 9.21 24.77
CA THR D 139 -16.79 9.03 23.35
C THR D 139 -17.70 7.81 23.19
N ALA D 140 -18.56 7.84 22.17
CA ALA D 140 -19.47 6.73 21.94
C ALA D 140 -18.68 5.47 21.63
N GLN D 141 -17.50 5.66 21.05
CA GLN D 141 -16.61 4.57 20.69
C GLN D 141 -16.21 3.74 21.90
N GLU D 142 -15.98 4.41 23.03
CA GLU D 142 -15.60 3.74 24.27
C GLU D 142 -16.76 2.92 24.82
N LEU D 143 -17.90 3.56 24.96
CA LEU D 143 -19.11 2.89 25.44
C LEU D 143 -19.44 1.75 24.50
N ASP D 144 -19.57 2.08 23.22
CA ASP D 144 -19.90 1.10 22.20
C ASP D 144 -18.93 -0.08 22.15
N TYR D 145 -17.68 0.13 22.52
CA TYR D 145 -16.70 -0.97 22.52
C TYR D 145 -16.95 -1.90 23.69
N LYS D 146 -17.08 -1.29 24.87
CA LYS D 146 -17.32 -2.03 26.11
C LYS D 146 -18.57 -2.90 26.01
N VAL D 147 -19.58 -2.38 25.33
CA VAL D 147 -20.85 -3.08 25.16
C VAL D 147 -20.75 -4.27 24.21
N ARG D 148 -19.91 -4.14 23.19
CA ARG D 148 -19.73 -5.22 22.22
C ARG D 148 -18.72 -6.24 22.76
N LYS D 149 -17.75 -5.79 23.54
CA LYS D 149 -16.77 -6.70 24.12
C LYS D 149 -17.56 -7.60 25.05
N TYR D 150 -18.31 -6.98 25.96
CA TYR D 150 -19.13 -7.71 26.90
C TYR D 150 -19.91 -8.79 26.16
N LEU D 151 -20.85 -8.35 25.33
CA LEU D 151 -21.69 -9.25 24.56
C LEU D 151 -20.92 -10.28 23.74
N THR D 152 -19.67 -9.98 23.39
CA THR D 152 -18.87 -10.93 22.62
C THR D 152 -18.52 -12.11 23.49
N ASP D 153 -18.24 -11.82 24.75
CA ASP D 153 -17.87 -12.83 25.71
C ASP D 153 -19.08 -13.47 26.41
N ASN D 154 -20.11 -12.68 26.67
CA ASN D 154 -21.30 -13.17 27.36
C ASN D 154 -22.49 -13.61 26.49
N LYS D 155 -22.47 -13.26 25.21
CA LYS D 155 -23.57 -13.63 24.32
C LYS D 155 -23.09 -14.16 22.97
N GLN D 156 -21.77 -14.20 22.78
CA GLN D 156 -21.20 -14.69 21.53
C GLN D 156 -21.68 -13.87 20.35
N LEU D 157 -21.83 -12.57 20.58
CA LEU D 157 -22.28 -11.63 19.55
C LEU D 157 -21.43 -11.81 18.29
N TYR D 158 -20.13 -11.99 18.50
CA TYR D 158 -19.17 -12.20 17.42
C TYR D 158 -18.37 -13.42 17.83
N THR D 159 -17.82 -14.12 16.84
CA THR D 159 -17.00 -15.30 17.10
C THR D 159 -16.06 -15.47 15.93
N ASN D 160 -14.93 -16.12 16.20
CA ASN D 160 -13.96 -16.41 15.16
C ASN D 160 -14.77 -17.28 14.19
N GLY D 161 -15.70 -16.64 13.50
CA GLY D 161 -16.56 -17.34 12.56
C GLY D 161 -17.92 -16.63 12.51
N PRO D 162 -19.00 -17.35 12.22
CA PRO D 162 -20.35 -16.78 12.15
C PRO D 162 -20.79 -15.96 13.36
N SER D 163 -22.07 -15.61 13.38
CA SER D 163 -22.63 -14.84 14.49
C SER D 163 -23.95 -15.49 14.88
N LYS D 164 -24.15 -15.72 16.18
CA LYS D 164 -25.38 -16.36 16.64
C LYS D 164 -26.60 -15.50 16.31
N TYR D 165 -26.36 -14.24 15.96
CA TYR D 165 -27.40 -13.27 15.63
C TYR D 165 -27.39 -12.89 14.16
N GLU D 166 -28.58 -12.67 13.61
CA GLU D 166 -28.69 -12.27 12.21
C GLU D 166 -28.37 -10.78 12.05
N THR D 167 -28.93 -9.97 12.93
CA THR D 167 -28.66 -8.54 12.91
C THR D 167 -28.52 -8.04 14.33
N GLY D 168 -28.23 -6.75 14.45
CA GLY D 168 -28.07 -6.16 15.77
C GLY D 168 -27.56 -4.74 15.61
N TYR D 169 -27.76 -3.93 16.64
CA TYR D 169 -27.31 -2.55 16.64
C TYR D 169 -27.41 -1.90 18.02
N ILE D 170 -26.64 -0.85 18.22
CA ILE D 170 -26.62 -0.15 19.49
C ILE D 170 -27.06 1.29 19.25
N LYS D 171 -28.05 1.73 20.02
CA LYS D 171 -28.58 3.08 19.90
C LYS D 171 -28.15 3.91 21.11
N PHE D 172 -27.44 5.00 20.85
CA PHE D 172 -27.03 5.87 21.94
C PHE D 172 -28.06 6.98 22.06
N ILE D 173 -28.66 7.12 23.23
CA ILE D 173 -29.69 8.13 23.46
C ILE D 173 -29.24 9.21 24.43
N PRO D 174 -28.67 10.31 23.90
CA PRO D 174 -28.18 11.45 24.70
C PRO D 174 -29.31 12.17 25.43
N LYS D 175 -28.95 12.84 26.52
CA LYS D 175 -29.93 13.57 27.33
C LYS D 175 -30.86 14.44 26.49
N ASN D 176 -30.29 15.15 25.53
CA ASN D 176 -31.06 16.03 24.67
C ASN D 176 -30.75 15.80 23.21
N LYS D 177 -29.47 15.89 22.85
CA LYS D 177 -29.02 15.70 21.48
C LYS D 177 -29.72 14.54 20.76
N GLU D 178 -29.93 14.70 19.45
CA GLU D 178 -30.58 13.68 18.64
C GLU D 178 -29.96 12.31 18.93
N SER D 179 -30.79 11.29 19.10
CA SER D 179 -30.27 9.96 19.36
C SER D 179 -29.75 9.41 18.04
N PHE D 180 -28.98 8.32 18.11
CA PHE D 180 -28.42 7.69 16.93
C PHE D 180 -28.09 6.22 17.18
N TRP D 181 -27.69 5.51 16.13
CA TRP D 181 -27.37 4.09 16.23
C TRP D 181 -26.12 3.67 15.45
N PHE D 182 -25.67 2.43 15.70
CA PHE D 182 -24.52 1.84 15.04
C PHE D 182 -24.87 0.40 14.69
N ASP D 183 -24.87 0.06 13.39
CA ASP D 183 -25.19 -1.30 12.99
C ASP D 183 -23.99 -2.20 13.31
N PHE D 184 -24.25 -3.33 13.95
CA PHE D 184 -23.22 -4.27 14.36
C PHE D 184 -22.66 -5.16 13.25
N PHE D 185 -23.17 -5.02 12.04
CA PHE D 185 -22.65 -5.86 10.96
C PHE D 185 -22.35 -5.12 9.67
N PRO D 186 -21.17 -5.36 9.10
CA PRO D 186 -20.69 -4.75 7.86
C PRO D 186 -21.47 -5.18 6.62
N GLU D 187 -21.00 -4.73 5.47
CA GLU D 187 -21.62 -5.09 4.20
C GLU D 187 -20.96 -6.42 3.86
N PRO D 188 -21.56 -7.22 2.95
CA PRO D 188 -20.96 -8.50 2.59
C PRO D 188 -19.45 -8.40 2.61
N GLU D 189 -18.85 -7.91 1.52
CA GLU D 189 -17.41 -7.73 1.45
C GLU D 189 -17.01 -6.36 1.96
N PHE D 190 -16.41 -6.35 3.16
CA PHE D 190 -16.02 -5.13 3.85
C PHE D 190 -14.53 -5.01 4.17
N THR D 191 -14.21 -4.00 4.98
CA THR D 191 -12.87 -3.64 5.45
C THR D 191 -13.01 -3.02 6.87
N GLN D 192 -11.99 -3.16 7.71
CA GLN D 192 -12.06 -2.59 9.05
C GLN D 192 -11.89 -1.08 9.00
N SER D 193 -11.11 -0.62 8.02
CA SER D 193 -10.84 0.78 7.82
C SER D 193 -12.12 1.53 7.45
N LYS D 194 -12.89 0.97 6.54
CA LYS D 194 -14.14 1.56 6.08
C LYS D 194 -15.19 1.46 7.16
N TYR D 195 -15.29 0.29 7.79
CA TYR D 195 -16.27 0.04 8.83
C TYR D 195 -16.14 0.93 10.06
N LEU D 196 -14.92 1.12 10.52
CA LEU D 196 -14.71 1.91 11.71
C LEU D 196 -14.93 3.41 11.55
N MET D 197 -15.40 3.82 10.38
CA MET D 197 -15.66 5.24 10.14
C MET D 197 -16.81 5.72 11.02
N ILE D 198 -17.44 4.76 11.69
CA ILE D 198 -18.54 5.07 12.57
C ILE D 198 -18.08 5.85 13.80
N TYR D 199 -16.77 5.97 14.02
CA TYR D 199 -16.26 6.69 15.19
C TYR D 199 -15.42 7.87 14.75
N LYS D 200 -15.48 8.20 13.46
CA LYS D 200 -14.69 9.30 12.95
C LYS D 200 -15.21 10.68 13.40
N ASP D 201 -16.52 10.85 13.50
CA ASP D 201 -17.07 12.14 13.92
C ASP D 201 -16.68 12.44 15.35
N ASN D 202 -15.97 11.50 15.97
CA ASN D 202 -15.50 11.64 17.35
C ASN D 202 -16.55 12.27 18.28
N GLU D 203 -17.77 11.72 18.27
CA GLU D 203 -18.88 12.22 19.09
C GLU D 203 -18.83 11.66 20.50
N THR D 204 -18.71 12.55 21.48
CA THR D 204 -18.65 12.16 22.89
C THR D 204 -19.98 12.47 23.55
N LEU D 205 -20.23 11.87 24.72
CA LEU D 205 -21.48 12.09 25.44
C LEU D 205 -21.19 12.23 26.92
N ASP D 206 -22.19 12.68 27.68
CA ASP D 206 -22.08 12.83 29.14
C ASP D 206 -22.37 11.49 29.82
N SER D 207 -21.34 10.89 30.41
CA SER D 207 -21.44 9.59 31.06
C SER D 207 -22.60 9.36 32.03
N ASN D 208 -23.29 10.41 32.46
CA ASN D 208 -24.39 10.25 33.41
C ASN D 208 -25.80 10.48 32.83
N THR D 209 -25.92 11.41 31.88
CA THR D 209 -27.21 11.73 31.29
C THR D 209 -27.53 10.96 30.00
N SER D 210 -26.74 9.94 29.69
CA SER D 210 -26.97 9.16 28.48
C SER D 210 -27.48 7.76 28.79
N GLN D 211 -28.08 7.14 27.78
CA GLN D 211 -28.65 5.81 27.91
C GLN D 211 -28.17 4.94 26.75
N ILE D 212 -28.24 3.62 26.93
CA ILE D 212 -27.80 2.69 25.89
C ILE D 212 -28.81 1.56 25.67
N GLU D 213 -29.25 1.40 24.43
CA GLU D 213 -30.21 0.36 24.08
C GLU D 213 -29.68 -0.51 22.94
N VAL D 214 -29.58 -1.80 23.18
CA VAL D 214 -29.08 -2.76 22.18
C VAL D 214 -30.21 -3.67 21.68
N TYR D 215 -30.49 -3.62 20.38
CA TYR D 215 -31.55 -4.44 19.79
C TYR D 215 -31.00 -5.56 18.90
N LEU D 216 -31.20 -6.80 19.32
CA LEU D 216 -30.72 -7.95 18.55
C LEU D 216 -31.86 -8.75 17.94
N THR D 217 -31.48 -9.61 17.01
CA THR D 217 -32.41 -10.50 16.32
C THR D 217 -31.65 -11.82 16.17
N THR D 218 -32.36 -12.90 15.85
CA THR D 218 -31.71 -14.21 15.71
C THR D 218 -31.96 -14.93 14.37
ZN ZN E . -24.18 5.84 -23.06
ZN ZN F . 25.10 14.85 -17.70
ZN ZN G . 6.33 -32.17 9.26
ZN ZN H . -7.33 10.89 31.25
#